data_1AZT
#
_entry.id   1AZT
#
_cell.length_a   88.300
_cell.length_b   96.500
_cell.length_c   133.400
_cell.angle_alpha   90.00
_cell.angle_beta   90.00
_cell.angle_gamma   90.00
#
_symmetry.space_group_name_H-M   'P 21 21 21'
#
loop_
_entity.id
_entity.type
_entity.pdbx_description
1 polymer GS-ALPHA
2 non-polymer 'MAGNESIUM ION'
3 non-polymer 'PHOSPHATE ION'
4 non-polymer "5'-GUANOSINE-DIPHOSPHATE-MONOTHIOPHOSPHATE"
5 water water
#
_entity_poly.entity_id   1
_entity_poly.type   'polypeptide(L)'
_entity_poly.pdbx_seq_one_letter_code
;MGCLGNSKTEDQRNEEKAQREANKKIEKQLQKDKQVYRATHRLLLLGAGESGKSTIVKQMRILHVNGFNGEGGEEDPQAA
RSNSDGEKATKVQDIKNNLKEAIETIVAAMSNLVPPVELANPENQFRVDYILSVMNVPDFDFPPEFYEHAKALWEDEGVR
ACYERSNEYQLIDCAQYFLDKIDVIKQDDYVPSDQDLLRCRVLTSGIFETKFQVDKVNFHMFDVGGQRDERRKWIQCFND
VTAIIFVVASSSYNMVIREDNQTNRLQEALNLFKSIWNNRWLRTISVILFLNKQDLLAEKVLAGKSKIEDYFPEFARYTT
PEDATPEPGEDPRVTRAKYFIRDEFLRISTASGDGRHYCYPHFTCAVDTENIRRVFNDCRDIIQRMHLRQYELLGGHHHH
HH
;
_entity_poly.pdbx_strand_id   A,B
#
loop_
_chem_comp.id
_chem_comp.type
_chem_comp.name
_chem_comp.formula
GSP non-polymer 5'-GUANOSINE-DIPHOSPHATE-MONOTHIOPHOSPHATE 'C10 H16 N5 O13 P3 S'
MG non-polymer 'MAGNESIUM ION' 'Mg 2'
PO4 non-polymer 'PHOSPHATE ION' 'O4 P -3'
#
# COMPACT_ATOMS: atom_id res chain seq x y z
N GLN A 35 8.18 7.69 30.87
CA GLN A 35 8.66 6.45 30.26
C GLN A 35 7.65 5.91 29.26
N VAL A 36 6.42 5.68 29.74
CA VAL A 36 5.33 5.22 28.87
C VAL A 36 5.10 6.27 27.78
N TYR A 37 5.46 7.51 28.12
CA TYR A 37 5.33 8.66 27.23
C TYR A 37 6.04 8.47 25.88
N ARG A 38 7.34 8.18 25.93
CA ARG A 38 8.13 7.98 24.71
C ARG A 38 7.79 6.70 23.95
N ALA A 39 7.25 5.69 24.63
CA ALA A 39 6.93 4.40 24.02
C ALA A 39 5.62 4.40 23.22
N THR A 40 4.88 5.50 23.34
CA THR A 40 3.58 5.66 22.68
C THR A 40 3.69 6.14 21.23
N HIS A 41 2.90 5.54 20.35
CA HIS A 41 2.76 6.00 18.97
C HIS A 41 1.73 7.12 18.98
N ARG A 42 2.23 8.34 18.82
CA ARG A 42 1.44 9.55 18.96
C ARG A 42 1.12 10.15 17.59
N LEU A 43 -0.11 9.94 17.14
CA LEU A 43 -0.57 10.37 15.81
C LEU A 43 -1.51 11.56 15.92
N LEU A 44 -1.19 12.60 15.16
CA LEU A 44 -1.92 13.86 15.17
C LEU A 44 -2.63 14.09 13.84
N LEU A 45 -3.96 14.06 13.90
CA LEU A 45 -4.82 14.29 12.75
C LEU A 45 -4.95 15.78 12.51
N LEU A 46 -4.72 16.22 11.27
CA LEU A 46 -4.90 17.62 10.91
C LEU A 46 -5.64 17.72 9.59
N GLY A 47 -6.02 18.94 9.23
CA GLY A 47 -6.73 19.18 7.99
C GLY A 47 -7.83 20.20 8.24
N ALA A 48 -8.33 20.82 7.17
CA ALA A 48 -9.38 21.82 7.29
C ALA A 48 -10.68 21.25 7.91
N GLY A 49 -11.75 22.04 7.88
CA GLY A 49 -13.00 21.61 8.46
C GLY A 49 -13.78 20.69 7.57
N GLU A 50 -14.47 19.72 8.17
CA GLU A 50 -15.31 18.77 7.43
C GLU A 50 -14.51 17.87 6.48
N SER A 51 -13.20 17.75 6.71
CA SER A 51 -12.35 16.97 5.81
C SER A 51 -12.40 15.46 6.03
N GLY A 52 -12.59 15.05 7.28
CA GLY A 52 -12.75 13.62 7.56
C GLY A 52 -12.09 13.15 8.85
N LYS A 53 -11.60 14.10 9.65
CA LYS A 53 -10.84 13.83 10.87
C LYS A 53 -11.49 12.97 11.97
N SER A 54 -12.69 13.36 12.39
CA SER A 54 -13.40 12.67 13.44
C SER A 54 -13.96 11.38 12.89
N THR A 55 -14.24 11.39 11.59
CA THR A 55 -14.71 10.20 10.90
C THR A 55 -13.62 9.12 10.90
N ILE A 56 -12.36 9.55 10.94
CA ILE A 56 -11.25 8.61 11.01
C ILE A 56 -11.18 8.05 12.42
N VAL A 57 -11.32 8.90 13.43
CA VAL A 57 -11.32 8.46 14.81
C VAL A 57 -12.44 7.45 15.07
N LYS A 58 -13.63 7.73 14.56
CA LYS A 58 -14.75 6.82 14.72
C LYS A 58 -14.42 5.47 14.11
N GLN A 59 -13.73 5.47 12.97
CA GLN A 59 -13.35 4.22 12.34
C GLN A 59 -12.35 3.47 13.21
N MET A 60 -11.55 4.20 13.98
CA MET A 60 -10.59 3.57 14.90
C MET A 60 -11.26 2.90 16.09
N ARG A 61 -12.25 3.55 16.68
CA ARG A 61 -12.99 2.97 17.80
C ARG A 61 -13.77 1.72 17.41
N ILE A 62 -14.39 1.75 16.23
CA ILE A 62 -15.12 0.60 15.69
C ILE A 62 -14.21 -0.60 15.45
N LEU A 63 -12.92 -0.34 15.25
CA LEU A 63 -11.96 -1.40 14.95
C LEU A 63 -11.10 -1.91 16.12
N HIS A 64 -10.78 -1.02 17.06
CA HIS A 64 -9.83 -1.37 18.12
C HIS A 64 -10.24 -0.98 19.55
N VAL A 65 -11.47 -0.50 19.73
CA VAL A 65 -11.97 -0.12 21.05
C VAL A 65 -13.35 -0.71 21.35
N LYS A 88 -25.80 7.17 23.08
CA LYS A 88 -26.64 6.68 21.99
C LYS A 88 -27.89 7.55 21.87
N ALA A 89 -28.41 7.98 23.00
CA ALA A 89 -29.59 8.85 23.03
C ALA A 89 -29.23 10.25 22.56
N THR A 90 -28.03 10.70 22.94
CA THR A 90 -27.50 11.99 22.52
C THR A 90 -27.14 11.93 21.02
N LYS A 91 -26.72 10.74 20.59
CA LYS A 91 -26.34 10.49 19.20
C LYS A 91 -27.53 10.56 18.24
N VAL A 92 -28.70 10.12 18.72
CA VAL A 92 -29.92 10.19 17.92
C VAL A 92 -30.35 11.64 17.83
N GLN A 93 -30.02 12.43 18.85
CA GLN A 93 -30.27 13.86 18.80
C GLN A 93 -29.45 14.45 17.68
N ASP A 94 -28.17 14.08 17.62
CA ASP A 94 -27.26 14.60 16.62
C ASP A 94 -27.70 14.19 15.21
N ILE A 95 -28.12 12.94 15.05
CA ILE A 95 -28.62 12.48 13.76
C ILE A 95 -29.90 13.22 13.34
N LYS A 96 -30.86 13.33 14.24
CA LYS A 96 -32.06 14.13 14.00
C LYS A 96 -31.68 15.58 13.67
N ASN A 97 -30.68 16.12 14.36
CA ASN A 97 -30.21 17.48 14.14
C ASN A 97 -29.63 17.69 12.75
N ASN A 98 -28.83 16.73 12.29
CA ASN A 98 -28.27 16.78 10.94
C ASN A 98 -29.42 16.75 9.93
N LEU A 99 -30.44 15.94 10.21
CA LEU A 99 -31.58 15.77 9.33
C LEU A 99 -32.37 17.08 9.18
N LYS A 100 -32.50 17.79 10.30
CA LYS A 100 -33.20 19.07 10.30
C LYS A 100 -32.40 20.13 9.57
N GLU A 101 -31.10 20.18 9.83
CA GLU A 101 -30.20 21.14 9.20
C GLU A 101 -30.14 20.95 7.68
N ALA A 102 -30.20 19.70 7.23
CA ALA A 102 -30.17 19.39 5.81
C ALA A 102 -31.32 20.03 5.06
N ILE A 103 -32.52 19.75 5.52
CA ILE A 103 -33.73 20.26 4.87
C ILE A 103 -33.88 21.78 4.96
N GLU A 104 -33.62 22.35 6.13
CA GLU A 104 -33.69 23.80 6.31
C GLU A 104 -32.81 24.48 5.29
N THR A 105 -31.57 24.00 5.20
CA THR A 105 -30.58 24.55 4.28
C THR A 105 -31.01 24.53 2.81
N ILE A 106 -31.53 23.40 2.35
CA ILE A 106 -31.98 23.29 0.96
C ILE A 106 -33.16 24.23 0.68
N VAL A 107 -34.22 24.14 1.48
CA VAL A 107 -35.40 25.00 1.29
C VAL A 107 -35.08 26.48 1.44
N ALA A 108 -34.23 26.82 2.41
CA ALA A 108 -33.80 28.20 2.62
C ALA A 108 -33.05 28.78 1.42
N ALA A 109 -32.28 27.92 0.74
CA ALA A 109 -31.42 28.33 -0.37
C ALA A 109 -32.13 28.59 -1.70
N MET A 110 -33.26 27.91 -1.93
CA MET A 110 -33.99 28.00 -3.20
C MET A 110 -34.26 29.43 -3.67
N SER A 111 -34.69 30.28 -2.76
CA SER A 111 -35.00 31.66 -3.07
C SER A 111 -33.80 32.62 -2.92
N ASN A 112 -32.60 32.07 -2.75
CA ASN A 112 -31.41 32.90 -2.57
C ASN A 112 -30.38 32.72 -3.67
N LEU A 113 -30.52 31.65 -4.45
CA LEU A 113 -29.61 31.39 -5.58
C LEU A 113 -29.91 32.33 -6.75
N VAL A 114 -29.00 32.35 -7.72
CA VAL A 114 -29.16 33.17 -8.92
C VAL A 114 -28.83 32.39 -10.20
N PRO A 115 -29.86 32.02 -10.99
CA PRO A 115 -31.29 32.28 -10.76
C PRO A 115 -31.83 31.44 -9.61
N PRO A 116 -32.97 31.86 -9.04
CA PRO A 116 -33.54 31.09 -7.94
C PRO A 116 -34.20 29.83 -8.47
N VAL A 117 -34.50 28.92 -7.58
CA VAL A 117 -35.15 27.66 -7.94
C VAL A 117 -36.53 27.61 -7.29
N GLU A 118 -37.55 27.31 -8.09
CA GLU A 118 -38.92 27.25 -7.59
C GLU A 118 -39.39 25.80 -7.52
N LEU A 119 -40.42 25.56 -6.72
CA LEU A 119 -40.97 24.22 -6.50
C LEU A 119 -41.51 23.63 -7.79
N ALA A 120 -41.29 22.32 -7.95
CA ALA A 120 -41.84 21.58 -9.07
C ALA A 120 -43.36 21.47 -8.88
N ASN A 121 -43.81 21.53 -7.62
CA ASN A 121 -45.22 21.45 -7.28
C ASN A 121 -45.62 22.60 -6.37
N PRO A 122 -46.33 23.61 -6.92
CA PRO A 122 -46.79 24.80 -6.19
C PRO A 122 -47.50 24.48 -4.88
N GLU A 123 -48.18 23.33 -4.82
CA GLU A 123 -48.93 22.88 -3.65
C GLU A 123 -48.04 22.49 -2.44
N ASN A 124 -46.72 22.41 -2.64
CA ASN A 124 -45.78 22.11 -1.57
C ASN A 124 -45.40 23.32 -0.73
N GLN A 125 -45.85 24.50 -1.17
CA GLN A 125 -45.46 25.75 -0.57
C GLN A 125 -45.70 25.85 0.93
N PHE A 126 -46.78 25.24 1.42
CA PHE A 126 -47.07 25.30 2.87
C PHE A 126 -46.01 24.58 3.68
N ARG A 127 -45.39 23.56 3.06
CA ARG A 127 -44.35 22.76 3.69
C ARG A 127 -43.07 23.60 3.82
N VAL A 128 -42.77 24.38 2.79
CA VAL A 128 -41.64 25.30 2.84
C VAL A 128 -41.91 26.23 4.02
N ASP A 129 -43.13 26.75 4.06
CA ASP A 129 -43.56 27.67 5.09
C ASP A 129 -43.38 27.12 6.49
N TYR A 130 -43.72 25.85 6.69
CA TYR A 130 -43.49 25.21 7.98
C TYR A 130 -42.00 25.11 8.32
N ILE A 131 -41.21 24.56 7.40
CA ILE A 131 -39.80 24.32 7.66
C ILE A 131 -39.10 25.62 8.06
N LEU A 132 -39.39 26.66 7.30
CA LEU A 132 -38.81 27.98 7.55
C LEU A 132 -39.30 28.57 8.88
N SER A 133 -40.51 28.23 9.29
CA SER A 133 -41.05 28.73 10.57
C SER A 133 -40.30 28.15 11.78
N VAL A 134 -40.17 26.82 11.81
CA VAL A 134 -39.48 26.14 12.90
C VAL A 134 -37.96 26.17 12.73
N MET A 135 -37.46 27.10 11.92
CA MET A 135 -36.03 27.22 11.63
C MET A 135 -35.16 27.24 12.89
N ASN A 136 -34.63 28.40 13.27
CA ASN A 136 -33.77 28.45 14.45
C ASN A 136 -34.52 28.75 15.74
N VAL A 137 -35.07 27.70 16.33
CA VAL A 137 -35.83 27.79 17.56
C VAL A 137 -35.10 26.98 18.63
N PRO A 138 -35.54 27.09 19.91
CA PRO A 138 -34.87 26.31 20.97
C PRO A 138 -35.08 24.81 20.71
N ASP A 139 -34.62 23.97 21.66
CA ASP A 139 -34.70 22.50 21.52
C ASP A 139 -35.99 21.97 20.88
N PHE A 140 -35.92 21.80 19.57
CA PHE A 140 -37.05 21.39 18.73
C PHE A 140 -37.58 19.98 19.07
N ASP A 141 -38.90 19.86 19.17
CA ASP A 141 -39.55 18.61 19.58
C ASP A 141 -39.71 17.49 18.55
N PHE A 142 -39.38 17.77 17.30
CA PHE A 142 -39.52 16.79 16.21
C PHE A 142 -40.86 16.07 16.13
N PRO A 143 -41.95 16.83 15.91
CA PRO A 143 -43.28 16.24 15.81
C PRO A 143 -43.37 15.43 14.53
N PRO A 144 -44.38 14.56 14.40
CA PRO A 144 -44.57 13.71 13.20
C PRO A 144 -44.72 14.55 11.93
N GLU A 145 -45.37 15.71 12.06
CA GLU A 145 -45.59 16.63 10.95
C GLU A 145 -44.27 17.12 10.37
N PHE A 146 -43.19 17.02 11.14
CA PHE A 146 -41.87 17.40 10.66
C PHE A 146 -41.35 16.39 9.66
N TYR A 147 -41.49 15.11 9.98
CA TYR A 147 -40.91 14.07 9.15
C TYR A 147 -41.57 13.98 7.79
N GLU A 148 -42.87 14.23 7.75
CA GLU A 148 -43.61 14.17 6.48
C GLU A 148 -43.43 15.41 5.58
N HIS A 149 -43.31 16.58 6.17
CA HIS A 149 -43.02 17.77 5.38
C HIS A 149 -41.63 17.68 4.76
N ALA A 150 -40.69 17.08 5.49
CA ALA A 150 -39.31 16.89 5.05
C ALA A 150 -39.25 15.88 3.90
N LYS A 151 -40.00 14.79 4.05
CA LYS A 151 -40.02 13.75 3.05
C LYS A 151 -40.62 14.27 1.77
N ALA A 152 -41.81 14.86 1.87
CA ALA A 152 -42.54 15.38 0.70
C ALA A 152 -41.73 16.42 -0.05
N LEU A 153 -40.99 17.25 0.69
CA LEU A 153 -40.15 18.28 0.08
C LEU A 153 -39.01 17.65 -0.71
N TRP A 154 -38.38 16.65 -0.09
CA TRP A 154 -37.24 15.94 -0.67
C TRP A 154 -37.58 15.27 -2.00
N GLU A 155 -38.84 14.89 -2.17
CA GLU A 155 -39.31 14.25 -3.39
C GLU A 155 -39.65 15.26 -4.48
N ASP A 156 -39.82 16.52 -4.09
CA ASP A 156 -40.09 17.58 -5.06
C ASP A 156 -38.87 17.83 -5.98
N GLU A 157 -39.12 17.83 -7.29
CA GLU A 157 -38.06 18.00 -8.29
C GLU A 157 -37.29 19.32 -8.18
N GLY A 158 -37.91 20.31 -7.56
CA GLY A 158 -37.28 21.61 -7.38
C GLY A 158 -36.38 21.65 -6.16
N VAL A 159 -36.79 21.00 -5.08
CA VAL A 159 -35.94 20.88 -3.89
C VAL A 159 -34.67 20.12 -4.27
N ARG A 160 -34.83 19.11 -5.13
CA ARG A 160 -33.70 18.31 -5.61
C ARG A 160 -32.77 19.15 -6.47
N ALA A 161 -33.34 19.91 -7.39
CA ALA A 161 -32.55 20.77 -8.26
C ALA A 161 -31.73 21.78 -7.46
N CYS A 162 -32.25 22.18 -6.30
CA CYS A 162 -31.50 23.05 -5.41
C CYS A 162 -30.38 22.27 -4.73
N TYR A 163 -30.65 21.01 -4.40
CA TYR A 163 -29.63 20.12 -3.85
C TYR A 163 -28.45 19.97 -4.82
N GLU A 164 -28.74 19.86 -6.11
CA GLU A 164 -27.70 19.73 -7.14
C GLU A 164 -26.79 20.96 -7.26
N ARG A 165 -27.30 22.12 -6.87
CA ARG A 165 -26.53 23.36 -6.90
C ARG A 165 -25.94 23.70 -5.53
N SER A 166 -25.80 22.68 -4.67
CA SER A 166 -25.36 22.87 -3.28
C SER A 166 -23.93 23.35 -3.07
N ASN A 167 -23.13 23.38 -4.13
CA ASN A 167 -21.78 23.91 -4.03
C ASN A 167 -21.81 25.45 -3.99
N GLU A 168 -22.95 26.03 -4.37
CA GLU A 168 -23.16 27.48 -4.32
C GLU A 168 -23.54 27.96 -2.91
N TYR A 169 -23.71 27.03 -1.98
CA TYR A 169 -23.98 27.37 -0.59
C TYR A 169 -23.36 26.36 0.38
N GLN A 170 -23.54 26.59 1.69
CA GLN A 170 -22.91 25.77 2.73
C GLN A 170 -23.78 24.62 3.25
N LEU A 171 -23.80 23.49 2.53
CA LEU A 171 -24.59 22.30 2.91
C LEU A 171 -23.70 21.21 3.54
N ILE A 172 -24.25 20.45 4.48
CA ILE A 172 -23.47 19.41 5.13
C ILE A 172 -23.35 18.15 4.27
N ASP A 173 -22.32 17.34 4.54
CA ASP A 173 -22.02 16.14 3.74
C ASP A 173 -23.03 15.00 3.84
N CYS A 174 -23.55 14.77 5.03
CA CYS A 174 -24.49 13.68 5.25
C CYS A 174 -25.88 13.95 4.70
N ALA A 175 -26.08 15.17 4.19
CA ALA A 175 -27.39 15.64 3.72
C ALA A 175 -28.22 14.61 2.98
N GLN A 176 -27.81 14.20 1.79
CA GLN A 176 -28.57 13.19 1.05
C GLN A 176 -28.72 11.90 1.87
N TYR A 177 -27.60 11.45 2.44
CA TYR A 177 -27.57 10.19 3.19
C TYR A 177 -28.75 10.06 4.16
N PHE A 178 -28.90 11.08 5.00
CA PHE A 178 -29.95 11.11 6.01
C PHE A 178 -31.35 11.40 5.47
N LEU A 179 -31.43 12.19 4.39
CA LEU A 179 -32.72 12.53 3.79
C LEU A 179 -33.33 11.32 3.11
N ASP A 180 -32.48 10.39 2.71
CA ASP A 180 -32.96 9.17 2.09
C ASP A 180 -33.55 8.17 3.08
N LYS A 181 -33.32 8.40 4.37
CA LYS A 181 -33.81 7.50 5.41
C LYS A 181 -34.54 8.18 6.56
N ILE A 182 -35.40 9.12 6.21
CA ILE A 182 -36.27 9.83 7.15
C ILE A 182 -37.24 8.83 7.80
N ASP A 183 -37.72 7.88 7.01
CA ASP A 183 -38.65 6.86 7.50
C ASP A 183 -38.03 5.92 8.53
N VAL A 184 -36.73 5.68 8.40
CA VAL A 184 -36.02 4.85 9.37
C VAL A 184 -35.74 5.66 10.63
N ILE A 185 -35.23 6.88 10.46
CA ILE A 185 -34.92 7.77 11.59
C ILE A 185 -36.15 8.08 12.46
N LYS A 186 -37.31 8.26 11.85
CA LYS A 186 -38.48 8.72 12.58
C LYS A 186 -39.09 7.72 13.55
N GLN A 187 -38.88 6.44 13.30
CA GLN A 187 -39.42 5.36 14.13
C GLN A 187 -39.06 5.52 15.59
N ASP A 188 -39.96 5.11 16.49
CA ASP A 188 -39.69 5.17 17.93
C ASP A 188 -38.50 4.27 18.27
N ASP A 189 -38.59 3.03 17.79
CA ASP A 189 -37.58 2.00 18.06
C ASP A 189 -36.34 2.08 17.18
N TYR A 190 -36.06 3.26 16.62
CA TYR A 190 -34.89 3.47 15.78
C TYR A 190 -33.59 3.36 16.59
N VAL A 191 -32.67 2.56 16.08
CA VAL A 191 -31.35 2.41 16.68
C VAL A 191 -30.33 2.66 15.58
N PRO A 192 -29.52 3.72 15.72
CA PRO A 192 -28.49 4.09 14.74
C PRO A 192 -27.52 2.95 14.46
N SER A 193 -27.19 2.75 13.18
CA SER A 193 -26.24 1.70 12.79
C SER A 193 -24.82 2.26 12.86
N ASP A 194 -23.83 1.42 12.57
CA ASP A 194 -22.43 1.86 12.57
C ASP A 194 -22.21 2.93 11.50
N GLN A 195 -22.83 2.75 10.34
CA GLN A 195 -22.72 3.72 9.25
C GLN A 195 -23.39 5.06 9.56
N ASP A 196 -24.57 5.03 10.17
CA ASP A 196 -25.26 6.26 10.58
C ASP A 196 -24.34 7.12 11.42
N LEU A 197 -23.70 6.50 12.41
CA LEU A 197 -22.81 7.21 13.33
C LEU A 197 -21.57 7.76 12.62
N LEU A 198 -21.16 7.08 11.55
CA LEU A 198 -20.03 7.53 10.74
C LEU A 198 -20.39 8.79 9.97
N ARG A 199 -21.62 8.83 9.45
CA ARG A 199 -22.10 9.95 8.65
C ARG A 199 -22.46 11.17 9.48
N CYS A 200 -22.92 10.92 10.69
CA CYS A 200 -23.35 11.97 11.63
C CYS A 200 -22.29 13.06 11.80
N ARG A 201 -22.70 14.31 11.70
CA ARG A 201 -21.77 15.43 11.81
C ARG A 201 -21.89 16.22 13.10
N VAL A 202 -20.78 16.31 13.82
CA VAL A 202 -20.68 17.19 14.98
C VAL A 202 -19.34 17.92 14.90
N LEU A 203 -19.41 19.24 14.77
CA LEU A 203 -18.25 20.11 14.66
C LEU A 203 -17.36 19.97 15.89
N THR A 204 -16.04 19.93 15.69
CA THR A 204 -15.09 19.72 16.78
C THR A 204 -14.44 20.99 17.31
N SER A 205 -14.79 21.34 18.55
CA SER A 205 -14.15 22.45 19.26
C SER A 205 -13.38 21.82 20.42
N GLY A 206 -12.05 21.87 20.34
CA GLY A 206 -11.23 21.27 21.40
C GLY A 206 -10.30 20.19 20.88
N ILE A 207 -9.51 19.60 21.77
CA ILE A 207 -8.53 18.59 21.39
C ILE A 207 -8.95 17.24 21.99
N PHE A 208 -9.20 16.25 21.14
CA PHE A 208 -9.66 14.94 21.63
C PHE A 208 -8.68 13.81 21.35
N GLU A 209 -8.23 13.17 22.42
CA GLU A 209 -7.27 12.08 22.32
C GLU A 209 -8.01 10.75 22.41
N THR A 210 -7.60 9.79 21.57
CA THR A 210 -8.22 8.46 21.51
C THR A 210 -7.13 7.38 21.61
N LYS A 211 -7.19 6.54 22.63
CA LYS A 211 -6.18 5.50 22.85
C LYS A 211 -6.72 4.12 22.48
N PHE A 212 -5.90 3.35 21.79
CA PHE A 212 -6.29 2.03 21.30
C PHE A 212 -5.05 1.17 21.04
N GLN A 213 -5.12 -0.11 21.39
CA GLN A 213 -3.99 -1.00 21.11
C GLN A 213 -4.25 -1.83 19.86
N VAL A 214 -3.20 -2.02 19.06
CA VAL A 214 -3.30 -2.80 17.83
C VAL A 214 -2.09 -3.74 17.78
N ASP A 215 -2.35 -5.06 17.76
CA ASP A 215 -1.29 -6.08 17.79
C ASP A 215 -0.28 -5.78 18.91
N LYS A 216 -0.84 -5.51 20.09
CA LYS A 216 -0.09 -5.21 21.30
C LYS A 216 0.66 -3.87 21.34
N VAL A 217 0.64 -3.12 20.24
CA VAL A 217 1.29 -1.80 20.18
C VAL A 217 0.26 -0.70 20.47
N ASN A 218 0.65 0.27 21.30
CA ASN A 218 -0.26 1.34 21.74
C ASN A 218 -0.20 2.64 20.93
N PHE A 219 -1.37 3.14 20.54
CA PHE A 219 -1.49 4.38 19.77
C PHE A 219 -2.31 5.41 20.55
N HIS A 220 -1.82 6.65 20.57
CA HIS A 220 -2.57 7.78 21.11
C HIS A 220 -2.78 8.74 19.94
N MET A 221 -4.05 8.97 19.61
CA MET A 221 -4.41 9.74 18.46
C MET A 221 -5.13 11.05 18.86
N PHE A 222 -4.69 12.16 18.28
CA PHE A 222 -5.26 13.46 18.58
C PHE A 222 -6.06 14.01 17.43
N ASP A 223 -7.31 14.34 17.71
CA ASP A 223 -8.21 14.96 16.75
C ASP A 223 -8.39 16.41 17.18
N VAL A 224 -8.28 17.32 16.22
CA VAL A 224 -8.37 18.75 16.51
C VAL A 224 -9.58 19.36 15.78
N GLY A 225 -9.82 20.64 16.01
CA GLY A 225 -10.82 21.36 15.25
C GLY A 225 -10.18 21.89 13.97
N GLY A 226 -10.84 21.69 12.84
CA GLY A 226 -10.25 22.04 11.57
C GLY A 226 -10.37 23.49 11.13
N GLN A 227 -11.46 24.15 11.50
CA GLN A 227 -11.66 25.55 11.11
C GLN A 227 -10.66 26.51 11.77
N ARG A 228 -10.58 27.72 11.24
CA ARG A 228 -9.54 28.67 11.62
C ARG A 228 -9.44 29.02 13.12
N ASP A 229 -10.59 29.18 13.77
CA ASP A 229 -10.67 29.51 15.20
C ASP A 229 -9.92 28.45 16.00
N GLU A 230 -9.94 27.23 15.49
CA GLU A 230 -9.37 26.08 16.18
C GLU A 230 -7.86 25.86 16.00
N ARG A 231 -7.32 26.31 14.87
CA ARG A 231 -5.91 26.07 14.52
C ARG A 231 -4.84 26.61 15.48
N ARG A 232 -5.26 27.44 16.43
CA ARG A 232 -4.34 28.01 17.41
C ARG A 232 -3.92 26.95 18.42
N LYS A 233 -4.91 26.13 18.80
CA LYS A 233 -4.74 25.06 19.78
C LYS A 233 -3.89 23.89 19.27
N TRP A 234 -3.54 23.88 17.99
CA TRP A 234 -2.80 22.77 17.39
C TRP A 234 -1.41 22.61 17.97
N ILE A 235 -0.77 23.75 18.22
CA ILE A 235 0.59 23.77 18.74
C ILE A 235 0.72 23.07 20.10
N GLN A 236 -0.41 22.91 20.79
CA GLN A 236 -0.49 22.20 22.07
C GLN A 236 -0.30 20.69 21.90
N CYS A 237 -0.23 20.24 20.65
CA CYS A 237 -0.11 18.82 20.31
C CYS A 237 1.20 18.42 19.65
N PHE A 238 2.07 19.40 19.39
CA PHE A 238 3.28 19.12 18.61
C PHE A 238 4.36 18.32 19.36
N ASN A 239 4.20 18.16 20.66
CA ASN A 239 5.21 17.45 21.45
C ASN A 239 5.27 15.95 21.13
N ASP A 240 6.50 15.46 20.91
CA ASP A 240 6.76 14.04 20.66
C ASP A 240 5.79 13.39 19.68
N VAL A 241 5.52 14.04 18.56
CA VAL A 241 4.58 13.46 17.60
C VAL A 241 5.28 12.53 16.62
N THR A 242 4.80 11.29 16.54
CA THR A 242 5.39 10.26 15.69
C THR A 242 5.10 10.51 14.20
N ALA A 243 3.82 10.72 13.89
CA ALA A 243 3.40 11.03 12.53
C ALA A 243 2.18 11.93 12.54
N ILE A 244 2.14 12.83 11.56
CA ILE A 244 0.95 13.64 11.30
C ILE A 244 0.13 12.95 10.22
N ILE A 245 -1.17 12.86 10.45
CA ILE A 245 -2.11 12.36 9.44
C ILE A 245 -2.92 13.55 8.94
N PHE A 246 -2.59 14.01 7.74
CA PHE A 246 -3.29 15.14 7.15
C PHE A 246 -4.42 14.66 6.23
N VAL A 247 -5.64 15.12 6.50
CA VAL A 247 -6.81 14.67 5.74
C VAL A 247 -7.32 15.76 4.78
N VAL A 248 -7.75 15.33 3.58
CA VAL A 248 -8.19 16.25 2.53
C VAL A 248 -9.56 15.80 2.03
N ALA A 249 -10.51 16.74 1.96
CA ALA A 249 -11.82 16.48 1.37
C ALA A 249 -11.72 16.74 -0.14
N SER A 250 -11.25 15.73 -0.88
CA SER A 250 -10.93 15.87 -2.31
C SER A 250 -12.07 16.34 -3.21
N SER A 251 -13.29 15.96 -2.87
CA SER A 251 -14.44 16.28 -3.69
C SER A 251 -14.84 17.76 -3.65
N SER A 252 -14.22 18.51 -2.74
CA SER A 252 -14.58 19.90 -2.51
C SER A 252 -13.82 20.92 -3.34
N TYR A 253 -13.53 20.59 -4.59
CA TYR A 253 -12.79 21.48 -5.47
C TYR A 253 -13.68 22.59 -6.04
N ASN A 254 -14.99 22.40 -5.97
CA ASN A 254 -15.94 23.37 -6.50
C ASN A 254 -16.75 24.07 -5.41
N MET A 255 -16.23 24.03 -4.18
CA MET A 255 -16.90 24.59 -3.00
C MET A 255 -16.03 25.66 -2.34
N VAL A 256 -16.57 26.31 -1.31
CA VAL A 256 -15.87 27.38 -0.59
C VAL A 256 -15.98 27.18 0.92
N ILE A 257 -14.98 27.65 1.66
CA ILE A 257 -14.95 27.44 3.11
C ILE A 257 -16.03 28.25 3.84
N ARG A 258 -16.49 27.74 4.98
CA ARG A 258 -17.56 28.39 5.73
C ARG A 258 -17.13 29.75 6.27
N GLU A 259 -15.87 29.84 6.72
CA GLU A 259 -15.32 31.03 7.33
C GLU A 259 -15.61 32.36 6.62
N ASP A 260 -15.27 32.44 5.33
CA ASP A 260 -15.48 33.67 4.56
C ASP A 260 -16.32 33.53 3.29
N ASN A 261 -16.69 32.29 2.94
CA ASN A 261 -17.52 32.04 1.77
C ASN A 261 -16.93 32.54 0.44
N GLN A 262 -15.61 32.65 0.37
CA GLN A 262 -14.95 33.15 -0.85
C GLN A 262 -13.78 32.25 -1.25
N THR A 263 -13.05 31.77 -0.25
CA THR A 263 -11.88 30.93 -0.46
C THR A 263 -12.27 29.52 -0.88
N ASN A 264 -11.72 29.08 -2.01
CA ASN A 264 -11.95 27.73 -2.51
C ASN A 264 -11.48 26.72 -1.47
N ARG A 265 -12.25 25.65 -1.30
CA ARG A 265 -11.92 24.67 -0.28
C ARG A 265 -10.63 23.91 -0.56
N LEU A 266 -10.51 23.33 -1.75
CA LEU A 266 -9.32 22.57 -2.09
C LEU A 266 -8.09 23.47 -1.97
N GLN A 267 -8.25 24.73 -2.32
CA GLN A 267 -7.19 25.72 -2.18
C GLN A 267 -6.80 25.91 -0.70
N GLU A 268 -7.80 26.10 0.16
CA GLU A 268 -7.55 26.23 1.61
C GLU A 268 -6.73 25.06 2.12
N ALA A 269 -7.01 23.87 1.60
CA ALA A 269 -6.31 22.65 1.99
C ALA A 269 -4.85 22.70 1.57
N LEU A 270 -4.60 23.10 0.32
CA LEU A 270 -3.24 23.21 -0.20
C LEU A 270 -2.37 24.18 0.61
N ASN A 271 -2.98 25.27 1.09
CA ASN A 271 -2.25 26.27 1.86
C ASN A 271 -1.97 25.77 3.25
N LEU A 272 -3.00 25.23 3.87
CA LEU A 272 -2.90 24.66 5.20
C LEU A 272 -1.85 23.55 5.17
N PHE A 273 -1.83 22.78 4.09
CA PHE A 273 -0.81 21.75 3.95
C PHE A 273 0.57 22.41 3.82
N LYS A 274 0.66 23.48 3.04
CA LYS A 274 1.93 24.19 2.89
C LYS A 274 2.45 24.68 4.23
N SER A 275 1.58 25.36 4.98
CA SER A 275 1.92 25.85 6.31
C SER A 275 2.44 24.71 7.21
N ILE A 276 1.78 23.55 7.13
CA ILE A 276 2.14 22.40 7.94
C ILE A 276 3.48 21.79 7.56
N TRP A 277 3.70 21.60 6.27
CA TRP A 277 4.95 21.01 5.75
C TRP A 277 6.18 21.88 6.03
N ASN A 278 5.96 23.17 6.28
CA ASN A 278 7.06 24.10 6.53
C ASN A 278 7.09 24.64 7.97
N ASN A 279 6.24 24.11 8.83
CA ASN A 279 6.16 24.60 10.21
C ASN A 279 7.45 24.40 11.01
N ARG A 280 7.90 25.47 11.67
CA ARG A 280 9.15 25.47 12.44
C ARG A 280 9.29 24.26 13.35
N TRP A 281 8.19 23.87 13.99
CA TRP A 281 8.22 22.78 14.95
C TRP A 281 8.15 21.38 14.34
N LEU A 282 7.74 21.28 13.09
CA LEU A 282 7.50 19.98 12.46
C LEU A 282 8.43 19.69 11.27
N ARG A 283 9.72 19.98 11.45
CA ARG A 283 10.73 19.81 10.41
C ARG A 283 11.07 18.33 10.22
N THR A 284 11.11 17.61 11.32
CA THR A 284 11.46 16.21 11.34
C THR A 284 10.26 15.29 11.06
N ILE A 285 9.05 15.82 11.26
CA ILE A 285 7.84 14.99 11.20
C ILE A 285 7.35 14.62 9.81
N SER A 286 7.14 13.33 9.59
CA SER A 286 6.61 12.81 8.34
C SER A 286 5.07 12.80 8.34
N VAL A 287 4.49 13.06 7.17
CA VAL A 287 3.04 13.23 6.99
C VAL A 287 2.37 12.12 6.18
N ILE A 288 1.34 11.50 6.76
CA ILE A 288 0.51 10.56 6.04
C ILE A 288 -0.70 11.32 5.54
N LEU A 289 -0.79 11.44 4.21
CA LEU A 289 -1.77 12.30 3.57
C LEU A 289 -2.92 11.57 2.94
N PHE A 290 -4.08 11.60 3.61
CA PHE A 290 -5.31 10.97 3.10
C PHE A 290 -6.05 11.86 2.10
N LEU A 291 -6.02 11.50 0.82
CA LEU A 291 -6.83 12.17 -0.17
C LEU A 291 -8.20 11.51 -0.07
N ASN A 292 -9.01 12.07 0.84
CA ASN A 292 -10.24 11.47 1.32
C ASN A 292 -11.44 11.83 0.44
N LYS A 293 -12.57 11.16 0.70
CA LYS A 293 -13.81 11.37 -0.03
C LYS A 293 -13.70 11.00 -1.50
N GLN A 294 -12.98 9.91 -1.74
CA GLN A 294 -12.80 9.39 -3.08
C GLN A 294 -14.13 9.06 -3.74
N ASP A 295 -15.07 8.57 -2.93
CA ASP A 295 -16.41 8.21 -3.40
C ASP A 295 -17.16 9.42 -3.97
N LEU A 296 -17.16 10.52 -3.22
CA LEU A 296 -17.78 11.75 -3.66
C LEU A 296 -17.04 12.34 -4.85
N LEU A 297 -15.71 12.37 -4.80
CA LEU A 297 -14.96 12.88 -5.94
C LEU A 297 -15.37 12.18 -7.23
N ALA A 298 -15.39 10.85 -7.20
CA ALA A 298 -15.75 10.06 -8.36
C ALA A 298 -17.10 10.46 -8.89
N GLU A 299 -18.10 10.45 -8.01
CA GLU A 299 -19.48 10.76 -8.40
C GLU A 299 -19.59 12.08 -9.13
N LYS A 300 -18.85 13.07 -8.62
CA LYS A 300 -18.85 14.41 -9.16
C LYS A 300 -18.21 14.42 -10.55
N VAL A 301 -17.10 13.72 -10.68
CA VAL A 301 -16.41 13.59 -11.96
C VAL A 301 -17.31 12.90 -12.99
N LEU A 302 -18.09 11.92 -12.53
CA LEU A 302 -18.94 11.14 -13.41
C LEU A 302 -20.25 11.86 -13.72
N ALA A 303 -20.64 12.78 -12.84
CA ALA A 303 -21.82 13.61 -13.07
C ALA A 303 -21.52 14.64 -14.16
N GLY A 304 -20.24 15.01 -14.26
CA GLY A 304 -19.75 15.95 -15.27
C GLY A 304 -20.41 17.31 -15.35
N LYS A 305 -21.00 17.78 -14.26
CA LYS A 305 -21.71 19.05 -14.26
C LYS A 305 -20.85 20.23 -13.81
N SER A 306 -19.96 19.98 -12.87
CA SER A 306 -19.03 21.00 -12.39
C SER A 306 -17.64 20.50 -12.74
N LYS A 307 -16.94 21.25 -13.58
CA LYS A 307 -15.63 20.83 -14.09
C LYS A 307 -14.48 21.27 -13.20
N ILE A 308 -13.42 20.47 -13.17
CA ILE A 308 -12.24 20.76 -12.37
C ILE A 308 -11.43 21.88 -13.02
N GLU A 309 -11.47 21.93 -14.35
CA GLU A 309 -10.74 22.91 -15.14
C GLU A 309 -11.11 24.34 -14.75
N ASP A 310 -12.40 24.59 -14.56
CA ASP A 310 -12.89 25.92 -14.22
C ASP A 310 -12.34 26.43 -12.89
N TYR A 311 -12.08 25.51 -11.97
CA TYR A 311 -11.57 25.86 -10.65
C TYR A 311 -10.06 25.77 -10.60
N PHE A 312 -9.50 24.89 -11.42
CA PHE A 312 -8.06 24.64 -11.48
C PHE A 312 -7.64 24.46 -12.93
N PRO A 313 -7.36 25.58 -13.62
CA PRO A 313 -6.93 25.64 -15.03
C PRO A 313 -5.80 24.69 -15.42
N GLU A 314 -4.80 24.55 -14.56
CA GLU A 314 -3.64 23.71 -14.86
C GLU A 314 -4.00 22.25 -15.20
N PHE A 315 -5.18 21.82 -14.74
CA PHE A 315 -5.68 20.49 -15.02
C PHE A 315 -5.82 20.24 -16.52
N ALA A 316 -6.00 21.31 -17.28
CA ALA A 316 -6.21 21.20 -18.73
C ALA A 316 -5.05 20.49 -19.45
N ARG A 317 -3.82 20.73 -19.00
CA ARG A 317 -2.64 20.10 -19.61
C ARG A 317 -2.17 18.85 -18.83
N TYR A 318 -2.82 18.57 -17.71
CA TYR A 318 -2.48 17.43 -16.89
C TYR A 318 -2.76 16.12 -17.61
N THR A 319 -1.87 15.16 -17.42
CA THR A 319 -2.02 13.84 -18.01
C THR A 319 -1.77 12.77 -16.93
N THR A 320 -2.56 11.70 -16.96
CA THR A 320 -2.46 10.59 -16.00
C THR A 320 -1.02 10.06 -15.94
N PRO A 321 -0.47 9.89 -14.73
CA PRO A 321 0.89 9.39 -14.53
C PRO A 321 1.07 7.98 -15.08
N GLU A 322 2.31 7.67 -15.47
CA GLU A 322 2.63 6.35 -16.00
C GLU A 322 2.50 5.27 -14.92
N ASP A 323 2.66 5.65 -13.66
CA ASP A 323 2.57 4.68 -12.57
C ASP A 323 1.25 4.71 -11.80
N ALA A 324 0.26 5.37 -12.36
CA ALA A 324 -1.07 5.42 -11.75
C ALA A 324 -1.69 4.04 -11.79
N THR A 325 -2.12 3.54 -10.65
CA THR A 325 -2.72 2.21 -10.55
C THR A 325 -4.22 2.35 -10.28
N PRO A 326 -5.04 2.42 -11.34
CA PRO A 326 -6.49 2.56 -11.20
C PRO A 326 -7.20 1.30 -10.71
N GLU A 327 -8.31 1.49 -10.01
CA GLU A 327 -9.12 0.38 -9.51
C GLU A 327 -9.68 -0.39 -10.70
N PRO A 328 -9.87 -1.72 -10.58
CA PRO A 328 -10.41 -2.52 -11.70
C PRO A 328 -11.67 -1.90 -12.34
N GLY A 329 -11.56 -1.60 -13.64
CA GLY A 329 -12.67 -1.01 -14.38
C GLY A 329 -13.04 0.43 -14.06
N GLU A 330 -12.18 1.12 -13.31
CA GLU A 330 -12.41 2.52 -12.94
C GLU A 330 -12.32 3.42 -14.16
N ASP A 331 -13.29 4.31 -14.30
CA ASP A 331 -13.34 5.25 -15.43
C ASP A 331 -12.03 6.04 -15.48
N PRO A 332 -11.43 6.15 -16.67
CA PRO A 332 -10.18 6.89 -16.88
C PRO A 332 -10.22 8.32 -16.34
N ARG A 333 -11.40 8.93 -16.42
CA ARG A 333 -11.60 10.31 -15.97
C ARG A 333 -11.43 10.44 -14.46
N VAL A 334 -11.88 9.43 -13.73
CA VAL A 334 -11.71 9.40 -12.28
C VAL A 334 -10.21 9.31 -12.00
N THR A 335 -9.55 8.33 -12.60
CA THR A 335 -8.11 8.17 -12.48
C THR A 335 -7.36 9.49 -12.59
N ARG A 336 -7.67 10.26 -13.62
CA ARG A 336 -6.97 11.50 -13.89
C ARG A 336 -7.22 12.51 -12.77
N ALA A 337 -8.49 12.77 -12.49
CA ALA A 337 -8.89 13.71 -11.46
C ALA A 337 -8.34 13.38 -10.07
N LYS A 338 -8.25 12.09 -9.74
CA LYS A 338 -7.77 11.73 -8.41
C LYS A 338 -6.25 11.83 -8.30
N TYR A 339 -5.56 11.52 -9.39
CA TYR A 339 -4.11 11.70 -9.44
C TYR A 339 -3.69 13.15 -9.62
N PHE A 340 -4.58 13.98 -10.18
CA PHE A 340 -4.28 15.40 -10.27
C PHE A 340 -4.25 15.96 -8.87
N ILE A 341 -5.33 15.76 -8.14
CA ILE A 341 -5.43 16.26 -6.79
C ILE A 341 -4.24 15.82 -5.95
N ARG A 342 -3.78 14.58 -6.16
CA ARG A 342 -2.62 14.06 -5.44
C ARG A 342 -1.40 14.90 -5.79
N ASP A 343 -1.17 15.06 -7.09
CA ASP A 343 0.01 15.77 -7.56
C ASP A 343 0.02 17.25 -7.15
N GLU A 344 -1.14 17.84 -6.89
CA GLU A 344 -1.19 19.21 -6.36
C GLU A 344 -0.48 19.30 -5.00
N PHE A 345 -0.63 18.26 -4.18
CA PHE A 345 0.04 18.20 -2.89
C PHE A 345 1.50 17.83 -2.97
N LEU A 346 1.84 16.90 -3.85
CA LEU A 346 3.24 16.44 -3.94
C LEU A 346 4.18 17.54 -4.45
N ARG A 347 3.66 18.49 -5.21
CA ARG A 347 4.43 19.65 -5.64
C ARG A 347 4.92 20.39 -4.42
N ILE A 348 4.02 20.67 -3.48
CA ILE A 348 4.37 21.31 -2.21
C ILE A 348 5.34 20.45 -1.39
N SER A 349 5.02 19.17 -1.22
CA SER A 349 5.83 18.29 -0.38
C SER A 349 7.25 18.07 -0.89
N THR A 350 7.44 18.14 -2.21
CA THR A 350 8.77 17.94 -2.78
C THR A 350 9.63 19.20 -2.79
N ALA A 351 9.04 20.34 -2.43
CA ALA A 351 9.75 21.62 -2.54
C ALA A 351 10.77 21.87 -1.44
N SER A 352 10.61 21.18 -0.32
CA SER A 352 11.49 21.37 0.83
C SER A 352 11.42 20.14 1.74
N GLY A 353 12.29 20.11 2.74
CA GLY A 353 12.31 18.97 3.65
C GLY A 353 13.72 18.42 3.81
N ASP A 354 14.51 18.48 2.74
CA ASP A 354 15.92 18.10 2.77
C ASP A 354 16.11 16.66 3.26
N GLY A 355 15.19 15.79 2.87
CA GLY A 355 15.25 14.40 3.31
C GLY A 355 15.09 14.19 4.82
N ARG A 356 14.59 15.19 5.53
CA ARG A 356 14.40 15.11 6.98
C ARG A 356 13.04 14.54 7.33
N HIS A 357 12.13 14.57 6.36
CA HIS A 357 10.79 14.03 6.53
C HIS A 357 10.12 13.83 5.15
N TYR A 358 9.11 12.95 5.08
CA TYR A 358 8.50 12.59 3.81
C TYR A 358 6.96 12.57 3.84
N CYS A 359 6.35 12.65 2.66
CA CYS A 359 4.89 12.61 2.50
C CYS A 359 4.47 11.27 1.86
N TYR A 360 3.54 10.58 2.50
CA TYR A 360 3.05 9.29 1.99
C TYR A 360 1.54 9.43 1.81
N PRO A 361 1.08 9.56 0.55
CA PRO A 361 -0.34 9.72 0.19
C PRO A 361 -1.12 8.42 0.02
N HIS A 362 -2.44 8.52 0.15
CA HIS A 362 -3.34 7.38 0.03
C HIS A 362 -4.72 7.88 -0.38
N PHE A 363 -5.41 7.13 -1.23
CA PHE A 363 -6.76 7.46 -1.60
C PHE A 363 -7.72 6.81 -0.58
N THR A 364 -8.55 7.61 0.07
CA THR A 364 -9.40 7.05 1.10
C THR A 364 -10.85 7.48 1.09
N CYS A 365 -11.62 6.73 1.86
CA CYS A 365 -13.03 7.01 2.11
C CYS A 365 -13.23 6.73 3.59
N ALA A 366 -13.26 7.80 4.35
CA ALA A 366 -13.33 7.75 5.81
C ALA A 366 -14.58 7.08 6.34
N VAL A 367 -15.65 7.09 5.54
CA VAL A 367 -16.89 6.43 5.93
C VAL A 367 -16.91 4.94 5.54
N ASP A 368 -15.81 4.44 5.00
CA ASP A 368 -15.74 3.04 4.58
C ASP A 368 -14.81 2.27 5.52
N THR A 369 -15.41 1.51 6.43
CA THR A 369 -14.66 0.76 7.44
C THR A 369 -13.57 -0.14 6.87
N GLU A 370 -13.84 -0.85 5.78
CA GLU A 370 -12.84 -1.76 5.23
C GLU A 370 -11.68 -1.01 4.55
N ASN A 371 -12.00 0.16 3.99
CA ASN A 371 -11.00 1.03 3.36
C ASN A 371 -10.03 1.57 4.42
N ILE A 372 -10.58 1.98 5.58
CA ILE A 372 -9.77 2.58 6.63
C ILE A 372 -9.01 1.51 7.43
N ARG A 373 -9.54 0.28 7.42
CA ARG A 373 -8.86 -0.86 8.02
C ARG A 373 -7.65 -1.25 7.15
N ARG A 374 -7.82 -1.20 5.84
CA ARG A 374 -6.75 -1.51 4.90
C ARG A 374 -5.60 -0.49 4.91
N VAL A 375 -5.95 0.77 4.70
CA VAL A 375 -4.96 1.84 4.65
C VAL A 375 -4.23 2.01 5.99
N PHE A 376 -4.94 1.82 7.09
CA PHE A 376 -4.32 2.00 8.40
C PHE A 376 -3.37 0.88 8.73
N ASN A 377 -3.73 -0.35 8.38
CA ASN A 377 -2.85 -1.48 8.60
C ASN A 377 -1.57 -1.36 7.77
N ASP A 378 -1.71 -0.85 6.54
CA ASP A 378 -0.58 -0.65 5.64
C ASP A 378 0.37 0.45 6.12
N CYS A 379 0.00 1.17 7.17
CA CYS A 379 0.86 2.21 7.73
C CYS A 379 1.54 1.83 9.03
N ARG A 380 1.01 0.81 9.70
CA ARG A 380 1.57 0.39 10.98
C ARG A 380 3.08 0.20 10.98
N ASP A 381 3.64 -0.24 9.85
CA ASP A 381 5.08 -0.45 9.75
C ASP A 381 5.92 0.82 9.63
N ILE A 382 5.57 1.75 8.75
CA ILE A 382 6.32 3.01 8.63
C ILE A 382 6.21 3.82 9.89
N ILE A 383 5.05 3.76 10.54
CA ILE A 383 4.90 4.46 11.82
C ILE A 383 5.90 3.93 12.86
N GLN A 384 6.11 2.61 12.88
CA GLN A 384 7.11 2.02 13.76
C GLN A 384 8.50 2.50 13.36
N ARG A 385 8.77 2.52 12.06
CA ARG A 385 10.05 2.97 11.52
C ARG A 385 10.34 4.40 11.92
N MET A 386 9.34 5.26 11.78
CA MET A 386 9.45 6.68 12.10
C MET A 386 9.75 6.93 13.59
N HIS A 387 9.22 6.05 14.43
CA HIS A 387 9.38 6.13 15.88
C HIS A 387 10.81 5.75 16.32
N LEU A 388 11.39 4.77 15.63
CA LEU A 388 12.76 4.32 15.87
C LEU A 388 13.73 5.30 15.22
N ARG A 389 13.25 5.98 14.17
CA ARG A 389 14.02 7.00 13.47
C ARG A 389 14.05 8.28 14.35
N GLN A 390 13.24 8.27 15.42
CA GLN A 390 13.22 9.34 16.41
C GLN A 390 14.00 8.96 17.66
N TYR A 391 14.78 7.88 17.59
CA TYR A 391 15.55 7.43 18.76
C TYR A 391 16.94 6.98 18.33
N GLN B 35 -19.06 -25.41 -9.36
CA GLN B 35 -19.56 -24.19 -8.72
C GLN B 35 -18.56 -23.64 -7.70
N VAL B 36 -17.94 -24.54 -6.96
CA VAL B 36 -16.90 -24.18 -5.97
C VAL B 36 -15.68 -23.61 -6.69
N TYR B 37 -15.47 -24.07 -7.92
CA TYR B 37 -14.36 -23.67 -8.77
C TYR B 37 -14.38 -22.16 -9.04
N ARG B 38 -15.55 -21.63 -9.40
CA ARG B 38 -15.73 -20.22 -9.75
C ARG B 38 -15.70 -19.20 -8.60
N ALA B 39 -15.87 -19.66 -7.37
CA ALA B 39 -15.97 -18.76 -6.22
C ALA B 39 -14.63 -18.44 -5.54
N THR B 40 -13.65 -19.32 -5.75
CA THR B 40 -12.34 -19.16 -5.11
C THR B 40 -11.40 -18.17 -5.81
N HIS B 41 -10.47 -17.60 -5.04
CA HIS B 41 -9.49 -16.66 -5.58
C HIS B 41 -8.23 -17.37 -6.05
N ARG B 42 -8.13 -17.50 -7.38
CA ARG B 42 -7.03 -18.21 -8.02
C ARG B 42 -5.87 -17.26 -8.34
N LEU B 43 -4.70 -17.55 -7.79
CA LEU B 43 -3.49 -16.75 -7.94
C LEU B 43 -2.36 -17.56 -8.58
N LEU B 44 -1.63 -16.93 -9.47
CA LEU B 44 -0.59 -17.63 -10.20
C LEU B 44 0.75 -16.93 -10.03
N LEU B 45 1.68 -17.65 -9.39
CA LEU B 45 3.03 -17.17 -9.18
C LEU B 45 3.87 -17.41 -10.41
N LEU B 46 4.16 -16.33 -11.13
CA LEU B 46 5.03 -16.39 -12.30
C LEU B 46 6.30 -15.64 -11.98
N GLY B 47 7.35 -15.86 -12.78
CA GLY B 47 8.62 -15.20 -12.58
C GLY B 47 9.79 -16.14 -12.88
N ALA B 48 10.96 -15.59 -13.16
CA ALA B 48 12.13 -16.38 -13.54
C ALA B 48 12.65 -17.32 -12.45
N GLY B 49 13.67 -18.10 -12.78
CA GLY B 49 14.26 -18.98 -11.79
C GLY B 49 14.92 -18.17 -10.67
N GLU B 50 14.88 -18.72 -9.47
CA GLU B 50 15.51 -18.11 -8.29
C GLU B 50 14.98 -16.70 -7.98
N SER B 51 13.85 -16.33 -8.56
CA SER B 51 13.30 -14.99 -8.34
C SER B 51 12.66 -14.78 -6.96
N GLY B 52 12.04 -15.81 -6.41
CA GLY B 52 11.46 -15.72 -5.07
C GLY B 52 10.06 -16.32 -4.91
N LYS B 53 9.55 -16.98 -5.95
CA LYS B 53 8.20 -17.54 -5.97
C LYS B 53 7.92 -18.51 -4.82
N SER B 54 8.70 -19.58 -4.73
CA SER B 54 8.54 -20.57 -3.67
C SER B 54 8.62 -19.96 -2.28
N THR B 55 9.38 -18.89 -2.14
CA THR B 55 9.56 -18.28 -0.82
C THR B 55 8.26 -17.59 -0.38
N ILE B 56 7.57 -16.96 -1.33
CA ILE B 56 6.31 -16.28 -1.06
C ILE B 56 5.27 -17.32 -0.64
N VAL B 57 5.42 -18.54 -1.16
CA VAL B 57 4.48 -19.60 -0.87
C VAL B 57 4.60 -20.08 0.57
N LYS B 58 5.85 -20.21 1.04
CA LYS B 58 6.12 -20.60 2.42
C LYS B 58 5.64 -19.57 3.40
N GLN B 59 5.67 -18.29 3.01
CA GLN B 59 5.16 -17.21 3.86
C GLN B 59 3.67 -17.37 4.07
N MET B 60 2.96 -17.71 3.00
CA MET B 60 1.51 -17.94 3.05
C MET B 60 1.18 -19.12 3.97
N ARG B 61 2.04 -20.13 3.96
CA ARG B 61 1.89 -21.26 4.87
C ARG B 61 2.17 -20.85 6.31
N ILE B 62 3.33 -20.24 6.56
CA ILE B 62 3.67 -19.71 7.90
C ILE B 62 2.60 -18.77 8.48
N LEU B 63 1.92 -18.02 7.61
CA LEU B 63 0.96 -17.03 8.05
C LEU B 63 -0.49 -17.52 8.07
N HIS B 64 -0.82 -18.53 7.26
CA HIS B 64 -2.22 -18.95 7.12
C HIS B 64 -2.53 -20.46 7.21
N VAL B 65 -1.49 -21.28 7.32
CA VAL B 65 -1.63 -22.74 7.39
C VAL B 65 -0.89 -23.30 8.62
N ASN B 66 -1.29 -24.51 9.03
CA ASN B 66 -0.83 -25.12 10.28
C ASN B 66 0.21 -26.21 10.10
N GLY B 67 1.35 -26.07 10.77
CA GLY B 67 2.39 -27.08 10.70
C GLY B 67 3.75 -26.47 10.94
N PHE B 68 4.46 -26.97 11.95
CA PHE B 68 5.77 -26.42 12.31
C PHE B 68 6.73 -26.57 11.14
N ASN B 69 6.82 -27.79 10.61
CA ASN B 69 7.66 -28.06 9.44
C ASN B 69 6.84 -28.71 8.33
N GLU B 87 9.27 -33.03 5.10
CA GLU B 87 9.69 -33.67 6.34
C GLU B 87 10.81 -32.91 7.02
N LYS B 88 10.78 -32.87 8.35
CA LYS B 88 11.82 -32.21 9.15
C LYS B 88 13.22 -32.71 8.78
N ALA B 89 13.36 -34.03 8.63
CA ALA B 89 14.63 -34.66 8.29
C ALA B 89 15.09 -34.37 6.86
N THR B 90 14.14 -34.32 5.93
CA THR B 90 14.41 -34.04 4.53
C THR B 90 14.93 -32.61 4.33
N LYS B 91 14.43 -31.69 5.16
CA LYS B 91 14.80 -30.27 5.08
C LYS B 91 16.20 -30.00 5.61
N VAL B 92 16.52 -30.61 6.75
CA VAL B 92 17.87 -30.54 7.31
C VAL B 92 18.89 -30.96 6.23
N GLN B 93 18.54 -31.98 5.46
CA GLN B 93 19.38 -32.45 4.37
C GLN B 93 19.51 -31.40 3.28
N ASP B 94 18.42 -30.68 3.01
CA ASP B 94 18.43 -29.65 1.99
C ASP B 94 19.33 -28.48 2.38
N ILE B 95 19.20 -28.06 3.63
CA ILE B 95 20.02 -27.00 4.21
C ILE B 95 21.50 -27.38 4.25
N LYS B 96 21.79 -28.67 4.44
CA LYS B 96 23.15 -29.15 4.43
C LYS B 96 23.72 -29.08 3.01
N ASN B 97 22.92 -29.56 2.06
CA ASN B 97 23.29 -29.54 0.65
C ASN B 97 23.56 -28.09 0.23
N ASN B 98 22.71 -27.18 0.71
CA ASN B 98 22.87 -25.74 0.45
C ASN B 98 24.22 -25.23 0.92
N LEU B 99 24.58 -25.58 2.15
CA LEU B 99 25.85 -25.18 2.75
C LEU B 99 27.05 -25.73 1.95
N LYS B 100 26.95 -27.00 1.57
CA LYS B 100 28.00 -27.66 0.82
C LYS B 100 28.26 -26.95 -0.52
N GLU B 101 27.18 -26.73 -1.26
CA GLU B 101 27.22 -26.03 -2.55
C GLU B 101 27.93 -24.69 -2.50
N ALA B 102 27.54 -23.84 -1.55
CA ALA B 102 28.12 -22.52 -1.40
C ALA B 102 29.62 -22.58 -1.19
N ILE B 103 30.05 -23.39 -0.23
CA ILE B 103 31.47 -23.49 0.07
C ILE B 103 32.28 -24.05 -1.13
N GLU B 104 31.77 -25.11 -1.73
CA GLU B 104 32.42 -25.72 -2.91
C GLU B 104 32.54 -24.72 -4.03
N THR B 105 31.41 -24.10 -4.35
CA THR B 105 31.33 -23.14 -5.43
C THR B 105 32.31 -21.99 -5.28
N ILE B 106 32.35 -21.39 -4.10
CA ILE B 106 33.24 -20.28 -3.83
C ILE B 106 34.70 -20.65 -4.06
N VAL B 107 35.14 -21.80 -3.52
CA VAL B 107 36.52 -22.22 -3.64
C VAL B 107 36.89 -22.69 -5.05
N ALA B 108 35.95 -23.36 -5.70
CA ALA B 108 36.11 -23.82 -7.08
C ALA B 108 36.41 -22.65 -8.00
N ALA B 109 35.78 -21.52 -7.68
CA ALA B 109 35.90 -20.29 -8.45
C ALA B 109 37.22 -19.54 -8.27
N MET B 110 37.88 -19.69 -7.14
CA MET B 110 39.06 -18.89 -6.84
C MET B 110 40.09 -18.86 -7.96
N SER B 111 40.47 -20.04 -8.44
CA SER B 111 41.46 -20.18 -9.51
C SER B 111 40.87 -19.88 -10.89
N ASN B 112 39.57 -20.06 -11.05
CA ASN B 112 38.91 -19.82 -12.34
C ASN B 112 38.52 -18.36 -12.60
N LEU B 113 38.59 -17.54 -11.57
CA LEU B 113 38.31 -16.12 -11.71
C LEU B 113 39.47 -15.45 -12.45
N VAL B 114 39.18 -14.30 -13.06
CA VAL B 114 40.17 -13.55 -13.82
C VAL B 114 40.25 -12.09 -13.34
N PRO B 115 41.30 -11.74 -12.56
CA PRO B 115 42.41 -12.60 -12.11
C PRO B 115 41.96 -13.56 -11.00
N PRO B 116 42.64 -14.69 -10.85
CA PRO B 116 42.29 -15.68 -9.82
C PRO B 116 42.56 -15.13 -8.43
N VAL B 117 41.77 -15.57 -7.46
CA VAL B 117 41.99 -15.13 -6.08
C VAL B 117 42.79 -16.21 -5.32
N GLU B 118 43.66 -15.75 -4.42
CA GLU B 118 44.55 -16.62 -3.67
C GLU B 118 44.17 -16.58 -2.20
N LEU B 119 44.45 -17.69 -1.50
CA LEU B 119 44.18 -17.78 -0.06
C LEU B 119 44.95 -16.73 0.72
N ALA B 120 44.29 -16.13 1.71
CA ALA B 120 44.94 -15.17 2.59
C ALA B 120 46.02 -15.89 3.41
N ASN B 121 45.66 -17.08 3.89
CA ASN B 121 46.59 -17.92 4.64
C ASN B 121 46.86 -19.15 3.78
N PRO B 122 48.11 -19.33 3.31
CA PRO B 122 48.53 -20.46 2.47
C PRO B 122 48.39 -21.82 3.17
N GLU B 123 48.51 -21.80 4.49
CA GLU B 123 48.39 -23.01 5.32
C GLU B 123 46.99 -23.63 5.19
N ASN B 124 46.05 -22.85 4.65
CA ASN B 124 44.66 -23.30 4.43
C ASN B 124 44.50 -24.09 3.14
N GLN B 125 45.61 -24.52 2.55
CA GLN B 125 45.54 -25.25 1.30
C GLN B 125 44.94 -26.65 1.42
N PHE B 126 45.34 -27.40 2.45
CA PHE B 126 44.83 -28.77 2.63
C PHE B 126 43.33 -28.77 2.82
N ARG B 127 42.81 -27.63 3.31
CA ARG B 127 41.38 -27.41 3.45
C ARG B 127 40.72 -27.33 2.07
N VAL B 128 41.25 -26.47 1.20
CA VAL B 128 40.72 -26.32 -0.16
C VAL B 128 40.79 -27.66 -0.90
N ASP B 129 41.90 -28.36 -0.69
CA ASP B 129 42.12 -29.66 -1.30
C ASP B 129 41.01 -30.63 -0.91
N TYR B 130 40.62 -30.61 0.36
CA TYR B 130 39.53 -31.48 0.83
C TYR B 130 38.21 -31.13 0.16
N ILE B 131 37.85 -29.84 0.19
CA ILE B 131 36.57 -29.40 -0.35
C ILE B 131 36.43 -29.81 -1.82
N LEU B 132 37.48 -29.63 -2.59
CA LEU B 132 37.43 -29.95 -4.01
C LEU B 132 37.40 -31.44 -4.28
N SER B 133 37.96 -32.22 -3.36
CA SER B 133 38.00 -33.68 -3.47
C SER B 133 36.68 -34.36 -3.19
N VAL B 134 35.77 -33.66 -2.53
CA VAL B 134 34.45 -34.19 -2.24
C VAL B 134 33.39 -33.42 -3.00
N MET B 135 33.74 -33.01 -4.22
CA MET B 135 32.84 -32.23 -5.06
C MET B 135 31.64 -33.04 -5.56
N ASN B 136 31.89 -34.22 -6.12
CA ASN B 136 30.82 -34.99 -6.74
C ASN B 136 30.42 -36.30 -6.09
N VAL B 137 30.60 -36.40 -4.78
CA VAL B 137 30.17 -37.57 -4.02
C VAL B 137 28.64 -37.52 -3.80
N PRO B 138 27.90 -38.46 -4.40
CA PRO B 138 26.43 -38.56 -4.31
C PRO B 138 25.84 -38.71 -2.90
N ASP B 139 26.39 -39.64 -2.12
CA ASP B 139 25.91 -39.89 -0.76
C ASP B 139 26.90 -39.36 0.27
N PHE B 140 27.00 -38.05 0.38
CA PHE B 140 27.97 -37.44 1.28
C PHE B 140 27.53 -37.50 2.73
N ASP B 141 28.33 -38.16 3.56
CA ASP B 141 28.00 -38.40 4.96
C ASP B 141 28.08 -37.19 5.88
N PHE B 142 28.72 -36.13 5.41
CA PHE B 142 28.97 -34.94 6.23
C PHE B 142 29.76 -35.22 7.51
N PRO B 143 31.02 -35.67 7.37
CA PRO B 143 31.84 -35.96 8.55
C PRO B 143 32.17 -34.65 9.27
N PRO B 144 32.51 -34.73 10.58
CA PRO B 144 32.85 -33.53 11.36
C PRO B 144 33.87 -32.65 10.64
N GLU B 145 34.75 -33.33 9.90
CA GLU B 145 35.84 -32.71 9.13
C GLU B 145 35.33 -31.68 8.11
N PHE B 146 34.17 -31.96 7.51
CA PHE B 146 33.59 -31.06 6.53
C PHE B 146 33.30 -29.70 7.17
N TYR B 147 32.50 -29.71 8.21
CA TYR B 147 32.06 -28.48 8.86
C TYR B 147 33.22 -27.63 9.30
N GLU B 148 34.28 -28.26 9.80
CA GLU B 148 35.45 -27.52 10.27
C GLU B 148 36.30 -26.89 9.17
N HIS B 149 36.48 -27.60 8.07
CA HIS B 149 37.21 -27.04 6.93
C HIS B 149 36.43 -25.86 6.34
N ALA B 150 35.12 -26.04 6.21
CA ALA B 150 34.22 -25.01 5.69
C ALA B 150 34.29 -23.76 6.55
N LYS B 151 34.23 -23.95 7.87
CA LYS B 151 34.27 -22.84 8.80
C LYS B 151 35.61 -22.12 8.79
N ALA B 152 36.70 -22.85 8.56
CA ALA B 152 38.02 -22.23 8.55
C ALA B 152 38.31 -21.44 7.27
N LEU B 153 37.78 -21.92 6.14
CA LEU B 153 37.93 -21.21 4.85
C LEU B 153 37.03 -19.98 4.76
N TRP B 154 35.84 -20.07 5.34
CA TRP B 154 34.90 -18.95 5.36
C TRP B 154 35.49 -17.74 6.13
N GLU B 155 36.41 -18.03 7.05
CA GLU B 155 37.09 -16.99 7.83
C GLU B 155 38.41 -16.54 7.19
N ASP B 156 38.79 -17.20 6.10
CA ASP B 156 39.98 -16.83 5.35
C ASP B 156 39.64 -15.62 4.47
N GLU B 157 40.41 -14.54 4.61
CA GLU B 157 40.16 -13.30 3.86
C GLU B 157 40.12 -13.48 2.34
N GLY B 158 40.87 -14.45 1.83
CA GLY B 158 40.90 -14.70 0.41
C GLY B 158 39.62 -15.32 -0.13
N VAL B 159 39.06 -16.27 0.62
CA VAL B 159 37.80 -16.90 0.24
C VAL B 159 36.68 -15.85 0.27
N ARG B 160 36.69 -15.00 1.30
CA ARG B 160 35.73 -13.91 1.40
C ARG B 160 35.83 -13.01 0.17
N ALA B 161 37.06 -12.78 -0.28
CA ALA B 161 37.30 -11.94 -1.45
C ALA B 161 36.67 -12.50 -2.71
N CYS B 162 36.75 -13.81 -2.88
CA CYS B 162 36.15 -14.49 -4.03
C CYS B 162 34.62 -14.51 -3.91
N TYR B 163 34.11 -14.49 -2.69
CA TYR B 163 32.68 -14.42 -2.45
C TYR B 163 32.13 -13.08 -2.97
N GLU B 164 32.84 -11.99 -2.66
CA GLU B 164 32.44 -10.66 -3.11
C GLU B 164 32.34 -10.52 -4.64
N ARG B 165 32.97 -11.45 -5.35
CA ARG B 165 32.98 -11.44 -6.81
C ARG B 165 32.05 -12.50 -7.39
N SER B 166 31.04 -12.88 -6.61
CA SER B 166 30.14 -13.96 -7.02
C SER B 166 29.22 -13.65 -8.20
N ASN B 167 29.19 -12.39 -8.62
CA ASN B 167 28.36 -12.00 -9.77
C ASN B 167 29.01 -12.43 -11.08
N GLU B 168 30.27 -12.87 -10.98
CA GLU B 168 31.04 -13.33 -12.12
C GLU B 168 30.86 -14.84 -12.36
N TYR B 169 30.29 -15.54 -11.37
CA TYR B 169 29.93 -16.96 -11.47
C TYR B 169 28.51 -17.23 -10.93
N GLN B 170 28.16 -18.49 -10.68
CA GLN B 170 26.81 -18.87 -10.22
C GLN B 170 26.69 -19.30 -8.75
N LEU B 171 26.45 -18.33 -7.85
CA LEU B 171 26.32 -18.61 -6.41
C LEU B 171 24.90 -18.42 -5.86
N ILE B 172 24.45 -19.33 -4.98
CA ILE B 172 23.10 -19.25 -4.42
C ILE B 172 22.91 -18.16 -3.36
N ASP B 173 21.69 -17.63 -3.30
CA ASP B 173 21.36 -16.53 -2.42
C ASP B 173 21.72 -16.75 -0.95
N CYS B 174 21.43 -17.95 -0.47
CA CYS B 174 21.56 -18.27 0.95
C CYS B 174 22.97 -18.56 1.43
N ALA B 175 23.96 -18.39 0.54
CA ALA B 175 25.34 -18.73 0.84
C ALA B 175 25.83 -18.18 2.19
N GLN B 176 25.89 -16.86 2.32
CA GLN B 176 26.38 -16.22 3.53
C GLN B 176 25.53 -16.53 4.77
N TYR B 177 24.25 -16.77 4.57
CA TYR B 177 23.33 -17.02 5.68
C TYR B 177 23.69 -18.32 6.39
N PHE B 178 23.81 -19.39 5.61
CA PHE B 178 24.14 -20.72 6.11
C PHE B 178 25.61 -20.87 6.50
N LEU B 179 26.49 -20.19 5.79
CA LEU B 179 27.90 -20.22 6.15
C LEU B 179 28.14 -19.56 7.51
N ASP B 180 27.33 -18.58 7.86
CA ASP B 180 27.46 -17.85 9.13
C ASP B 180 27.04 -18.66 10.36
N LYS B 181 26.34 -19.76 10.14
CA LYS B 181 25.85 -20.58 11.23
C LYS B 181 26.18 -22.06 11.03
N ILE B 182 27.35 -22.30 10.42
CA ILE B 182 27.85 -23.65 10.19
C ILE B 182 27.83 -24.45 11.49
N ASP B 183 28.17 -23.77 12.59
CA ASP B 183 28.18 -24.39 13.92
C ASP B 183 26.80 -24.90 14.35
N VAL B 184 25.78 -24.05 14.21
CA VAL B 184 24.40 -24.41 14.52
C VAL B 184 23.95 -25.63 13.69
N ILE B 185 24.26 -25.59 12.40
CA ILE B 185 23.78 -26.60 11.46
C ILE B 185 24.36 -27.99 11.71
N LYS B 186 25.55 -28.06 12.31
CA LYS B 186 26.17 -29.36 12.53
C LYS B 186 25.68 -30.19 13.72
N GLN B 187 25.02 -29.56 14.69
CA GLN B 187 24.54 -30.28 15.87
C GLN B 187 23.55 -31.38 15.51
N ASP B 188 23.50 -32.44 16.32
CA ASP B 188 22.61 -33.57 16.07
C ASP B 188 21.15 -33.14 16.23
N ASP B 189 20.93 -32.33 17.26
CA ASP B 189 19.62 -31.81 17.58
C ASP B 189 19.27 -30.55 16.78
N TYR B 190 19.87 -30.41 15.59
CA TYR B 190 19.57 -29.25 14.76
C TYR B 190 18.20 -29.38 14.11
N VAL B 191 17.34 -28.41 14.41
CA VAL B 191 16.01 -28.33 13.80
C VAL B 191 15.93 -26.92 13.19
N PRO B 192 15.54 -26.85 11.91
CA PRO B 192 15.41 -25.59 11.17
C PRO B 192 14.35 -24.61 11.71
N SER B 193 14.75 -23.36 11.89
CA SER B 193 13.80 -22.31 12.24
C SER B 193 13.05 -21.92 10.95
N ASP B 194 12.01 -21.10 11.10
CA ASP B 194 11.26 -20.61 9.94
C ASP B 194 12.22 -19.94 8.95
N GLN B 195 13.02 -19.00 9.45
CA GLN B 195 13.99 -18.30 8.62
C GLN B 195 14.89 -19.24 7.81
N ASP B 196 15.40 -20.29 8.48
CA ASP B 196 16.23 -21.31 7.82
C ASP B 196 15.52 -21.96 6.64
N LEU B 197 14.25 -22.31 6.84
CA LEU B 197 13.41 -22.87 5.78
C LEU B 197 13.17 -21.89 4.63
N LEU B 198 13.12 -20.61 4.97
CA LEU B 198 12.84 -19.56 4.00
C LEU B 198 14.05 -19.25 3.14
N ARG B 199 15.23 -19.29 3.74
CA ARG B 199 16.47 -19.05 3.03
C ARG B 199 16.87 -20.24 2.16
N CYS B 200 16.32 -21.41 2.47
CA CYS B 200 16.70 -22.63 1.77
C CYS B 200 16.28 -22.62 0.31
N ARG B 201 17.09 -23.20 -0.56
CA ARG B 201 16.82 -23.21 -1.99
C ARG B 201 16.70 -24.63 -2.57
N VAL B 202 15.53 -24.90 -3.13
CA VAL B 202 15.24 -26.15 -3.81
C VAL B 202 14.62 -25.78 -5.15
N LEU B 203 15.14 -26.35 -6.23
CA LEU B 203 14.62 -26.12 -7.57
C LEU B 203 13.19 -26.64 -7.72
N THR B 204 12.34 -25.86 -8.39
CA THR B 204 10.94 -26.24 -8.58
C THR B 204 10.77 -26.89 -9.97
N SER B 205 10.33 -28.15 -9.99
CA SER B 205 10.14 -28.90 -11.23
C SER B 205 8.70 -29.40 -11.38
N GLY B 206 7.79 -28.46 -11.57
CA GLY B 206 6.38 -28.82 -11.69
C GLY B 206 5.45 -27.76 -11.13
N ILE B 207 4.18 -28.13 -10.97
CA ILE B 207 3.14 -27.23 -10.47
C ILE B 207 2.65 -27.73 -9.13
N PHE B 208 2.68 -26.86 -8.13
CA PHE B 208 2.20 -27.18 -6.80
C PHE B 208 1.16 -26.15 -6.36
N GLU B 209 0.06 -26.63 -5.80
CA GLU B 209 -1.00 -25.74 -5.35
C GLU B 209 -1.06 -25.65 -3.84
N THR B 210 -1.21 -24.42 -3.34
CA THR B 210 -1.32 -24.18 -1.91
C THR B 210 -2.63 -23.45 -1.61
N LYS B 211 -3.46 -24.03 -0.76
CA LYS B 211 -4.76 -23.46 -0.43
C LYS B 211 -4.73 -22.96 1.01
N PHE B 212 -5.28 -21.77 1.23
CA PHE B 212 -5.34 -21.18 2.56
C PHE B 212 -6.52 -20.23 2.67
N GLN B 213 -6.75 -19.71 3.88
CA GLN B 213 -7.92 -18.87 4.14
C GLN B 213 -7.58 -17.64 4.95
N VAL B 214 -8.18 -16.51 4.58
CA VAL B 214 -8.05 -15.28 5.35
C VAL B 214 -9.40 -14.58 5.44
N ASP B 215 -9.91 -14.44 6.66
CA ASP B 215 -11.22 -13.84 6.93
C ASP B 215 -12.30 -14.61 6.21
N LYS B 216 -12.26 -15.94 6.32
CA LYS B 216 -13.23 -16.82 5.67
C LYS B 216 -13.20 -16.76 4.14
N VAL B 217 -12.09 -16.29 3.57
CA VAL B 217 -11.92 -16.19 2.12
C VAL B 217 -10.83 -17.16 1.66
N ASN B 218 -11.14 -17.94 0.63
CA ASN B 218 -10.24 -19.00 0.17
C ASN B 218 -9.29 -18.60 -0.96
N PHE B 219 -8.04 -19.02 -0.82
CA PHE B 219 -7.01 -18.72 -1.81
C PHE B 219 -6.34 -19.97 -2.33
N HIS B 220 -6.44 -20.18 -3.63
CA HIS B 220 -5.74 -21.26 -4.30
C HIS B 220 -4.56 -20.63 -5.06
N MET B 221 -3.34 -20.89 -4.60
CA MET B 221 -2.16 -20.28 -5.18
C MET B 221 -1.28 -21.33 -5.86
N PHE B 222 -0.95 -21.08 -7.12
CA PHE B 222 -0.15 -22.02 -7.88
C PHE B 222 1.26 -21.54 -8.05
N ASP B 223 2.21 -22.39 -7.65
CA ASP B 223 3.64 -22.12 -7.80
C ASP B 223 4.11 -22.91 -9.02
N VAL B 224 5.05 -22.34 -9.77
CA VAL B 224 5.56 -22.95 -10.99
C VAL B 224 7.09 -22.92 -11.02
N GLY B 225 7.67 -23.55 -12.05
CA GLY B 225 9.10 -23.49 -12.26
C GLY B 225 9.45 -22.30 -13.15
N GLY B 226 10.46 -21.53 -12.75
CA GLY B 226 10.82 -20.33 -13.48
C GLY B 226 11.85 -20.51 -14.59
N GLN B 227 12.75 -21.47 -14.40
CA GLN B 227 13.77 -21.77 -15.39
C GLN B 227 13.15 -22.13 -16.75
N ARG B 228 13.81 -21.67 -17.81
CA ARG B 228 13.36 -21.82 -19.20
C ARG B 228 12.76 -23.19 -19.51
N ASP B 229 13.36 -24.20 -18.90
CA ASP B 229 12.94 -25.61 -18.98
C ASP B 229 11.47 -25.81 -18.58
N GLU B 230 11.07 -25.15 -17.51
CA GLU B 230 9.74 -25.32 -16.95
C GLU B 230 8.61 -24.47 -17.51
N ARG B 231 8.94 -23.38 -18.20
CA ARG B 231 7.94 -22.43 -18.70
C ARG B 231 6.90 -23.03 -19.66
N ARG B 232 7.21 -24.23 -20.15
CA ARG B 232 6.33 -24.99 -21.05
C ARG B 232 5.02 -25.41 -20.36
N LYS B 233 5.13 -25.75 -19.08
CA LYS B 233 4.03 -26.22 -18.23
C LYS B 233 3.06 -25.13 -17.77
N TRP B 234 3.45 -23.88 -17.97
CA TRP B 234 2.70 -22.72 -17.47
C TRP B 234 1.24 -22.63 -17.93
N ILE B 235 0.95 -23.09 -19.13
CA ILE B 235 -0.41 -22.98 -19.66
C ILE B 235 -1.48 -23.78 -18.90
N GLN B 236 -1.03 -24.80 -18.18
CA GLN B 236 -1.95 -25.65 -17.41
C GLN B 236 -2.64 -24.91 -16.26
N CYS B 237 -2.13 -23.74 -15.88
CA CYS B 237 -2.67 -22.97 -14.76
C CYS B 237 -3.39 -21.69 -15.17
N PHE B 238 -3.43 -21.42 -16.47
CA PHE B 238 -4.02 -20.19 -16.99
C PHE B 238 -5.53 -20.17 -16.89
N ASN B 239 -6.13 -21.30 -16.54
CA ASN B 239 -7.59 -21.40 -16.49
C ASN B 239 -8.25 -20.74 -15.28
N ASP B 240 -9.19 -19.84 -15.56
CA ASP B 240 -9.97 -19.10 -14.57
C ASP B 240 -9.16 -18.40 -13.47
N VAL B 241 -7.97 -17.95 -13.83
CA VAL B 241 -7.06 -17.31 -12.91
C VAL B 241 -7.55 -15.92 -12.53
N THR B 242 -7.53 -15.61 -11.24
CA THR B 242 -7.98 -14.31 -10.74
C THR B 242 -6.93 -13.20 -10.86
N ALA B 243 -5.66 -13.54 -10.65
CA ALA B 243 -4.58 -12.56 -10.73
C ALA B 243 -3.24 -13.27 -10.80
N ILE B 244 -2.26 -12.58 -11.39
CA ILE B 244 -0.90 -13.09 -11.48
C ILE B 244 -0.08 -12.31 -10.49
N ILE B 245 0.77 -13.01 -9.74
CA ILE B 245 1.78 -12.36 -8.90
C ILE B 245 3.11 -12.61 -9.61
N PHE B 246 3.77 -11.54 -10.02
CA PHE B 246 5.00 -11.67 -10.78
C PHE B 246 6.19 -11.25 -9.94
N VAL B 247 7.10 -12.20 -9.74
CA VAL B 247 8.24 -11.96 -8.88
C VAL B 247 9.54 -11.68 -9.65
N VAL B 248 10.16 -10.54 -9.34
CA VAL B 248 11.40 -10.12 -9.95
C VAL B 248 12.48 -10.03 -8.89
N ALA B 249 13.67 -10.55 -9.17
CA ALA B 249 14.78 -10.45 -8.23
C ALA B 249 15.53 -9.15 -8.54
N SER B 250 15.06 -8.06 -7.98
CA SER B 250 15.59 -6.72 -8.23
C SER B 250 17.12 -6.61 -8.21
N SER B 251 17.73 -7.37 -7.30
CA SER B 251 19.16 -7.29 -7.03
C SER B 251 20.07 -7.91 -8.09
N SER B 252 19.49 -8.64 -9.03
CA SER B 252 20.25 -9.37 -10.03
C SER B 252 20.64 -8.56 -11.26
N TYR B 253 20.72 -7.24 -11.11
CA TYR B 253 21.07 -6.37 -12.23
C TYR B 253 22.48 -6.66 -12.76
N ASN B 254 23.30 -7.31 -11.93
CA ASN B 254 24.68 -7.60 -12.29
C ASN B 254 25.01 -9.08 -12.47
N MET B 255 24.01 -9.90 -12.72
CA MET B 255 24.24 -11.34 -12.87
C MET B 255 23.67 -11.88 -14.16
N VAL B 256 24.18 -13.05 -14.55
CA VAL B 256 23.72 -13.75 -15.74
C VAL B 256 23.02 -15.06 -15.35
N ILE B 257 21.95 -15.40 -16.06
CA ILE B 257 21.15 -16.62 -15.83
C ILE B 257 21.96 -17.93 -15.95
N ARG B 258 21.48 -18.98 -15.27
CA ARG B 258 22.18 -20.26 -15.28
C ARG B 258 22.13 -20.97 -16.63
N GLU B 259 20.98 -20.90 -17.29
CA GLU B 259 20.71 -21.61 -18.55
C GLU B 259 21.74 -21.47 -19.69
N ASP B 260 22.28 -20.26 -19.88
CA ASP B 260 23.28 -20.02 -20.93
C ASP B 260 24.49 -19.23 -20.44
N ASN B 261 24.50 -18.87 -19.16
CA ASN B 261 25.58 -18.10 -18.55
C ASN B 261 25.96 -16.88 -19.38
N GLN B 262 24.97 -16.27 -20.03
CA GLN B 262 25.24 -15.14 -20.89
C GLN B 262 24.22 -14.02 -20.74
N THR B 263 22.94 -14.40 -20.67
CA THR B 263 21.85 -13.43 -20.54
C THR B 263 21.73 -12.86 -19.11
N ASN B 264 21.60 -11.54 -19.02
CA ASN B 264 21.45 -10.86 -17.74
C ASN B 264 20.12 -11.25 -17.10
N ARG B 265 20.18 -11.62 -15.83
CA ARG B 265 19.02 -12.11 -15.10
C ARG B 265 17.84 -11.15 -15.08
N LEU B 266 18.13 -9.86 -14.99
CA LEU B 266 17.09 -8.83 -14.96
C LEU B 266 16.49 -8.61 -16.34
N GLN B 267 17.30 -8.77 -17.39
CA GLN B 267 16.83 -8.66 -18.76
C GLN B 267 15.95 -9.87 -19.08
N GLU B 268 16.34 -11.03 -18.56
CA GLU B 268 15.55 -12.23 -18.73
C GLU B 268 14.17 -12.05 -18.07
N ALA B 269 14.17 -11.47 -16.86
CA ALA B 269 12.91 -11.20 -16.15
C ALA B 269 12.04 -10.24 -16.94
N LEU B 270 12.65 -9.17 -17.45
CA LEU B 270 11.95 -8.17 -18.27
C LEU B 270 11.31 -8.82 -19.51
N ASN B 271 12.12 -9.55 -20.27
CA ASN B 271 11.63 -10.27 -21.44
C ASN B 271 10.48 -11.21 -21.09
N LEU B 272 10.62 -11.91 -19.97
CA LEU B 272 9.58 -12.84 -19.53
C LEU B 272 8.28 -12.12 -19.18
N PHE B 273 8.41 -10.93 -18.60
CA PHE B 273 7.26 -10.13 -18.24
C PHE B 273 6.52 -9.64 -19.49
N LYS B 274 7.28 -9.28 -20.53
CA LYS B 274 6.70 -8.81 -21.79
C LYS B 274 5.90 -9.95 -22.42
N SER B 275 6.50 -11.13 -22.45
CA SER B 275 5.87 -12.34 -22.95
C SER B 275 4.51 -12.56 -22.26
N ILE B 276 4.51 -12.53 -20.93
CA ILE B 276 3.30 -12.69 -20.15
C ILE B 276 2.28 -11.59 -20.37
N TRP B 277 2.70 -10.34 -20.17
CA TRP B 277 1.80 -9.20 -20.27
C TRP B 277 1.05 -9.19 -21.59
N ASN B 278 1.70 -9.68 -22.64
CA ASN B 278 1.14 -9.66 -23.99
C ASN B 278 0.69 -11.05 -24.50
N ASN B 279 0.65 -12.00 -23.58
CA ASN B 279 0.15 -13.32 -23.89
C ASN B 279 -1.36 -13.25 -24.19
N ARG B 280 -1.81 -14.06 -25.15
CA ARG B 280 -3.20 -14.03 -25.59
C ARG B 280 -4.17 -14.60 -24.55
N TRP B 281 -3.77 -15.68 -23.88
CA TRP B 281 -4.62 -16.31 -22.87
C TRP B 281 -4.77 -15.45 -21.62
N LEU B 282 -4.01 -14.36 -21.54
CA LEU B 282 -3.95 -13.54 -20.33
C LEU B 282 -4.38 -12.06 -20.52
N ARG B 283 -4.91 -11.74 -21.69
CA ARG B 283 -5.25 -10.35 -22.05
C ARG B 283 -6.06 -9.59 -21.00
N THR B 284 -6.79 -10.32 -20.17
CA THR B 284 -7.65 -9.68 -19.18
C THR B 284 -7.22 -9.91 -17.73
N ILE B 285 -6.15 -10.69 -17.53
CA ILE B 285 -5.70 -11.01 -16.17
C ILE B 285 -4.68 -9.98 -15.71
N SER B 286 -4.95 -9.38 -14.55
CA SER B 286 -4.04 -8.37 -13.98
C SER B 286 -2.79 -8.98 -13.32
N VAL B 287 -1.74 -8.18 -13.19
CA VAL B 287 -0.48 -8.62 -12.63
C VAL B 287 -0.10 -7.79 -11.42
N ILE B 288 0.05 -8.46 -10.27
CA ILE B 288 0.56 -7.84 -9.06
C ILE B 288 2.05 -8.13 -9.08
N LEU B 289 2.82 -7.07 -9.23
CA LEU B 289 4.27 -7.15 -9.39
C LEU B 289 4.96 -7.06 -8.05
N PHE B 290 5.68 -8.12 -7.70
CA PHE B 290 6.49 -8.16 -6.48
C PHE B 290 7.94 -7.90 -6.86
N LEU B 291 8.43 -6.72 -6.52
CA LEU B 291 9.82 -6.37 -6.78
C LEU B 291 10.63 -6.85 -5.58
N ASN B 292 11.16 -8.05 -5.73
CA ASN B 292 11.69 -8.79 -4.60
C ASN B 292 13.19 -8.58 -4.43
N LYS B 293 13.69 -8.99 -3.28
CA LYS B 293 15.10 -8.88 -2.95
C LYS B 293 15.53 -7.45 -2.75
N GLN B 294 14.71 -6.70 -2.03
CA GLN B 294 15.01 -5.31 -1.73
C GLN B 294 16.16 -5.16 -0.74
N ASP B 295 16.30 -6.13 0.17
CA ASP B 295 17.39 -6.14 1.15
C ASP B 295 18.72 -6.32 0.44
N LEU B 296 18.75 -7.24 -0.53
CA LEU B 296 19.94 -7.50 -1.33
C LEU B 296 20.23 -6.33 -2.29
N LEU B 297 19.19 -5.67 -2.79
CA LEU B 297 19.36 -4.54 -3.68
C LEU B 297 20.10 -3.40 -2.95
N ALA B 298 19.58 -3.04 -1.78
CA ALA B 298 20.15 -1.98 -0.97
C ALA B 298 21.59 -2.23 -0.57
N GLU B 299 21.92 -3.46 -0.19
CA GLU B 299 23.30 -3.81 0.17
C GLU B 299 24.17 -3.51 -1.02
N LYS B 300 23.81 -4.14 -2.13
CA LYS B 300 24.55 -4.03 -3.37
C LYS B 300 24.78 -2.58 -3.79
N VAL B 301 23.73 -1.76 -3.69
CA VAL B 301 23.84 -0.36 -4.07
C VAL B 301 24.70 0.47 -3.10
N LEU B 302 24.54 0.23 -1.81
CA LEU B 302 25.27 0.97 -0.80
C LEU B 302 26.78 0.70 -0.87
N ALA B 303 27.13 -0.47 -1.40
CA ALA B 303 28.52 -0.85 -1.56
C ALA B 303 29.12 -0.16 -2.79
N GLY B 304 28.33 -0.02 -3.85
CA GLY B 304 28.78 0.64 -5.07
C GLY B 304 29.94 0.00 -5.78
N LYS B 305 30.23 -1.27 -5.46
CA LYS B 305 31.33 -2.00 -6.10
C LYS B 305 30.99 -2.41 -7.52
N SER B 306 29.70 -2.56 -7.80
CA SER B 306 29.23 -2.82 -9.17
C SER B 306 28.05 -1.91 -9.47
N LYS B 307 28.27 -0.95 -10.38
CA LYS B 307 27.30 0.09 -10.69
C LYS B 307 26.13 -0.38 -11.57
N ILE B 308 24.97 0.24 -11.38
CA ILE B 308 23.78 -0.13 -12.16
C ILE B 308 23.92 0.23 -13.64
N GLU B 309 24.38 1.45 -13.91
CA GLU B 309 24.53 1.96 -15.28
C GLU B 309 25.36 1.03 -16.15
N ASP B 310 26.29 0.31 -15.54
CA ASP B 310 27.17 -0.63 -16.24
C ASP B 310 26.46 -1.86 -16.82
N TYR B 311 25.16 -2.00 -16.57
CA TYR B 311 24.38 -3.13 -17.08
C TYR B 311 23.07 -2.61 -17.70
N PHE B 312 22.60 -1.47 -17.19
CA PHE B 312 21.42 -0.77 -17.73
C PHE B 312 21.78 0.72 -17.82
N PRO B 313 22.50 1.11 -18.89
CA PRO B 313 23.03 2.42 -19.31
C PRO B 313 22.10 3.63 -19.19
N GLU B 314 20.83 3.38 -19.50
CA GLU B 314 19.78 4.39 -19.37
C GLU B 314 19.64 4.90 -17.93
N PHE B 315 20.17 4.16 -16.96
CA PHE B 315 20.09 4.57 -15.57
C PHE B 315 20.76 5.93 -15.36
N ALA B 316 21.82 6.16 -16.12
CA ALA B 316 22.61 7.37 -15.98
C ALA B 316 21.82 8.66 -16.26
N ARG B 317 20.64 8.52 -16.84
CA ARG B 317 19.76 9.66 -17.09
C ARG B 317 18.35 9.47 -16.52
N TYR B 318 18.23 8.58 -15.54
CA TYR B 318 16.97 8.33 -14.85
C TYR B 318 16.92 9.16 -13.57
N THR B 319 15.81 9.87 -13.39
CA THR B 319 15.64 10.71 -12.22
C THR B 319 14.49 10.22 -11.34
N THR B 320 14.79 10.08 -10.04
CA THR B 320 13.84 9.60 -9.04
C THR B 320 12.54 10.35 -9.19
N PRO B 321 11.43 9.61 -9.40
CA PRO B 321 10.10 10.22 -9.56
C PRO B 321 9.75 11.17 -8.43
N GLU B 322 8.92 12.16 -8.76
CA GLU B 322 8.39 13.11 -7.78
C GLU B 322 7.58 12.39 -6.69
N ASP B 323 6.89 11.30 -7.07
CA ASP B 323 6.02 10.56 -6.16
C ASP B 323 6.67 9.41 -5.41
N ALA B 324 7.99 9.41 -5.32
CA ALA B 324 8.70 8.39 -4.56
C ALA B 324 8.35 8.49 -3.07
N THR B 325 8.22 7.35 -2.43
CA THR B 325 7.98 7.32 -0.99
C THR B 325 9.04 6.43 -0.33
N PRO B 326 10.24 6.99 -0.11
CA PRO B 326 11.34 6.23 0.52
C PRO B 326 11.00 5.86 1.97
N GLU B 327 11.61 4.80 2.48
CA GLU B 327 11.48 4.43 3.90
C GLU B 327 12.20 5.50 4.69
N PRO B 328 11.82 5.71 5.97
CA PRO B 328 12.51 6.74 6.77
C PRO B 328 14.02 6.47 6.85
N GLY B 329 14.82 7.50 6.54
CA GLY B 329 16.27 7.38 6.62
C GLY B 329 16.90 6.56 5.50
N GLU B 330 16.20 6.45 4.37
CA GLU B 330 16.65 5.67 3.22
C GLU B 330 17.69 6.49 2.46
N ASP B 331 18.67 5.80 1.90
CA ASP B 331 19.70 6.45 1.11
C ASP B 331 19.07 6.81 -0.25
N PRO B 332 19.19 8.07 -0.69
CA PRO B 332 18.61 8.51 -1.98
C PRO B 332 19.03 7.62 -3.16
N ARG B 333 20.26 7.12 -3.09
CA ARG B 333 20.78 6.18 -4.07
C ARG B 333 19.87 4.96 -4.18
N VAL B 334 19.51 4.41 -3.03
CA VAL B 334 18.63 3.25 -2.93
C VAL B 334 17.26 3.53 -3.53
N THR B 335 16.67 4.65 -3.12
CA THR B 335 15.38 5.06 -3.63
C THR B 335 15.41 5.16 -5.15
N ARG B 336 16.51 5.68 -5.69
CA ARG B 336 16.65 5.88 -7.14
C ARG B 336 16.78 4.56 -7.91
N ALA B 337 17.66 3.69 -7.42
CA ALA B 337 17.84 2.37 -8.02
C ALA B 337 16.52 1.60 -8.03
N LYS B 338 15.90 1.45 -6.87
CA LYS B 338 14.67 0.65 -6.76
C LYS B 338 13.46 1.15 -7.57
N TYR B 339 13.31 2.46 -7.73
CA TYR B 339 12.27 3.01 -8.61
C TYR B 339 12.60 2.80 -10.09
N PHE B 340 13.87 2.96 -10.46
CA PHE B 340 14.32 2.73 -11.83
C PHE B 340 13.90 1.33 -12.26
N ILE B 341 14.23 0.34 -11.44
CA ILE B 341 13.87 -1.04 -11.73
C ILE B 341 12.36 -1.24 -11.84
N ARG B 342 11.61 -0.68 -10.88
CA ARG B 342 10.16 -0.70 -10.94
C ARG B 342 9.67 -0.16 -12.30
N ASP B 343 10.20 0.99 -12.71
CA ASP B 343 9.80 1.65 -13.96
C ASP B 343 10.08 0.83 -15.23
N GLU B 344 11.24 0.20 -15.30
CA GLU B 344 11.56 -0.67 -16.43
C GLU B 344 10.39 -1.62 -16.72
N PHE B 345 9.72 -2.07 -15.66
CA PHE B 345 8.58 -2.98 -15.76
C PHE B 345 7.27 -2.28 -16.11
N LEU B 346 7.12 -1.05 -15.62
CA LEU B 346 5.93 -0.27 -15.91
C LEU B 346 5.90 0.24 -17.36
N ARG B 347 7.08 0.42 -17.94
CA ARG B 347 7.18 0.85 -19.32
C ARG B 347 6.62 -0.20 -20.26
N ILE B 348 6.61 -1.44 -19.79
CA ILE B 348 6.08 -2.56 -20.56
C ILE B 348 4.59 -2.66 -20.33
N SER B 349 4.16 -2.46 -19.09
CA SER B 349 2.75 -2.58 -18.77
C SER B 349 1.91 -1.46 -19.35
N THR B 350 2.51 -0.28 -19.51
CA THR B 350 1.77 0.86 -20.03
C THR B 350 1.81 0.95 -21.55
N ALA B 351 2.40 -0.06 -22.19
CA ALA B 351 2.49 -0.06 -23.66
C ALA B 351 1.43 -0.93 -24.35
N SER B 352 0.48 -1.47 -23.58
CA SER B 352 -0.59 -2.30 -24.11
C SER B 352 -1.58 -2.70 -23.01
N GLY B 353 -2.67 -3.37 -23.39
CA GLY B 353 -3.66 -3.75 -22.40
C GLY B 353 -4.98 -3.02 -22.57
N ASP B 354 -4.90 -1.75 -22.98
CA ASP B 354 -6.09 -0.98 -23.37
C ASP B 354 -7.21 -0.92 -22.32
N GLY B 355 -6.83 -0.94 -21.05
CA GLY B 355 -7.80 -0.90 -19.96
C GLY B 355 -8.38 -2.27 -19.56
N ARG B 356 -7.93 -3.32 -20.22
CA ARG B 356 -8.43 -4.66 -19.95
C ARG B 356 -7.78 -5.32 -18.72
N HIS B 357 -6.59 -4.83 -18.36
CA HIS B 357 -5.85 -5.28 -17.17
C HIS B 357 -4.77 -4.25 -16.79
N TYR B 358 -4.32 -4.29 -15.53
CA TYR B 358 -3.36 -3.31 -15.05
C TYR B 358 -2.23 -3.96 -14.27
N CYS B 359 -1.25 -3.15 -13.84
CA CYS B 359 -0.14 -3.65 -13.06
C CYS B 359 -0.05 -2.98 -11.70
N TYR B 360 -0.03 -3.79 -10.63
CA TYR B 360 0.07 -3.26 -9.27
C TYR B 360 1.40 -3.68 -8.64
N PRO B 361 2.42 -2.78 -8.70
CA PRO B 361 3.77 -2.96 -8.17
C PRO B 361 3.95 -2.75 -6.67
N HIS B 362 4.79 -3.57 -6.06
CA HIS B 362 5.10 -3.48 -4.64
C HIS B 362 6.55 -3.82 -4.45
N PHE B 363 7.19 -3.21 -3.46
CA PHE B 363 8.57 -3.55 -3.10
C PHE B 363 8.54 -4.64 -2.01
N THR B 364 9.24 -5.75 -2.25
CA THR B 364 9.21 -6.87 -1.32
C THR B 364 10.55 -7.47 -0.94
N CYS B 365 10.52 -8.18 0.19
CA CYS B 365 11.63 -8.97 0.72
C CYS B 365 11.00 -10.25 1.25
N ALA B 366 10.89 -11.24 0.39
CA ALA B 366 10.18 -12.49 0.64
C ALA B 366 10.62 -13.27 1.86
N VAL B 367 11.86 -13.08 2.32
CA VAL B 367 12.35 -13.85 3.45
C VAL B 367 11.93 -13.20 4.76
N ASP B 368 11.35 -12.01 4.64
CA ASP B 368 10.92 -11.20 5.76
C ASP B 368 9.42 -11.35 5.93
N THR B 369 9.03 -12.11 6.95
CA THR B 369 7.63 -12.40 7.20
C THR B 369 6.71 -11.18 7.39
N GLU B 370 7.15 -10.16 8.13
CA GLU B 370 6.31 -8.98 8.28
C GLU B 370 6.08 -8.25 6.98
N ASN B 371 7.11 -8.20 6.15
CA ASN B 371 7.03 -7.52 4.87
C ASN B 371 5.98 -8.17 4.00
N ILE B 372 6.00 -9.51 3.93
CA ILE B 372 5.07 -10.26 3.08
C ILE B 372 3.66 -10.18 3.65
N ARG B 373 3.53 -10.42 4.95
CA ARG B 373 2.24 -10.32 5.64
C ARG B 373 1.54 -9.04 5.24
N ARG B 374 2.21 -7.91 5.50
CA ARG B 374 1.70 -6.58 5.18
C ARG B 374 1.28 -6.40 3.75
N VAL B 375 2.20 -6.75 2.84
CA VAL B 375 1.99 -6.54 1.41
C VAL B 375 0.84 -7.35 0.86
N PHE B 376 0.76 -8.61 1.28
CA PHE B 376 -0.33 -9.46 0.83
C PHE B 376 -1.66 -8.96 1.38
N ASN B 377 -1.70 -8.49 2.61
CA ASN B 377 -2.95 -7.99 3.18
C ASN B 377 -3.46 -6.79 2.42
N ASP B 378 -2.53 -5.91 2.06
CA ASP B 378 -2.83 -4.71 1.30
C ASP B 378 -3.48 -5.09 -0.03
N CYS B 379 -3.10 -6.25 -0.56
CA CYS B 379 -3.62 -6.73 -1.85
C CYS B 379 -4.99 -7.39 -1.87
N ARG B 380 -5.50 -7.84 -0.72
CA ARG B 380 -6.77 -8.56 -0.67
C ARG B 380 -7.98 -7.89 -1.31
N ASP B 381 -8.18 -6.60 -1.06
CA ASP B 381 -9.32 -5.88 -1.62
C ASP B 381 -9.35 -5.76 -3.15
N ILE B 382 -8.19 -5.57 -3.78
CA ILE B 382 -8.16 -5.49 -5.24
C ILE B 382 -8.17 -6.86 -5.87
N ILE B 383 -7.84 -7.89 -5.08
CA ILE B 383 -7.92 -9.26 -5.58
C ILE B 383 -9.40 -9.63 -5.61
N GLN B 384 -10.14 -9.18 -4.60
CA GLN B 384 -11.58 -9.37 -4.59
C GLN B 384 -12.21 -8.59 -5.74
N ARG B 385 -11.79 -7.33 -5.93
CA ARG B 385 -12.32 -6.49 -7.02
C ARG B 385 -12.05 -7.08 -8.38
N MET B 386 -10.90 -7.73 -8.51
CA MET B 386 -10.55 -8.38 -9.76
C MET B 386 -11.54 -9.48 -10.05
N HIS B 387 -11.95 -10.19 -9.01
CA HIS B 387 -12.86 -11.31 -9.13
C HIS B 387 -14.28 -10.86 -9.46
N LEU B 388 -14.73 -9.78 -8.85
CA LEU B 388 -16.04 -9.21 -9.14
C LEU B 388 -16.07 -8.66 -10.57
N ARG B 389 -14.94 -8.10 -10.99
CA ARG B 389 -14.78 -7.53 -12.33
C ARG B 389 -14.89 -8.64 -13.38
N GLN B 390 -14.55 -9.87 -12.98
CA GLN B 390 -14.64 -11.03 -13.86
C GLN B 390 -16.07 -11.54 -14.01
N TYR B 391 -16.97 -10.96 -13.23
CA TYR B 391 -18.38 -11.37 -13.21
C TYR B 391 -19.31 -10.18 -13.49
MG MG C . -13.54 16.67 14.12
P PO4 D . 2.91 -1.60 0.52
O1 PO4 D . 2.30 -0.24 0.57
O2 PO4 D . 4.22 -1.64 1.25
O3 PO4 D . 1.99 -2.68 1.00
O4 PO4 D . 3.17 -1.89 -0.91
P PO4 E . -0.07 11.27 25.68
O1 PO4 E . 0.48 11.68 26.98
O2 PO4 E . 0.62 10.00 25.36
O3 PO4 E . -1.54 11.18 25.75
O4 PO4 E . 0.28 12.33 24.69
P PO4 F . -13.68 12.95 18.44
O1 PO4 F . -14.33 14.28 18.22
O2 PO4 F . -14.33 11.97 17.49
O3 PO4 F . -12.22 13.05 18.19
O4 PO4 F . -13.87 12.45 19.84
P PO4 G . -22.52 7.92 -1.07
O1 PO4 G . -23.00 8.84 -2.15
O2 PO4 G . -23.27 6.63 -1.00
O3 PO4 G . -21.10 7.54 -1.31
O4 PO4 G . -22.70 8.65 0.21
P PO4 H . -6.96 -5.88 11.96
O1 PO4 H . -6.35 -6.38 10.70
O2 PO4 H . -8.32 -5.32 11.73
O3 PO4 H . -7.04 -7.05 12.90
O4 PO4 H . -6.12 -4.83 12.62
P PO4 I . -3.35 1.36 -0.02
O1 PO4 I . -2.29 0.74 -0.87
O2 PO4 I . -4.68 0.77 -0.37
O3 PO4 I . -3.10 1.02 1.40
O4 PO4 I . -3.43 2.85 -0.19
P PO4 J . -6.20 2.69 -6.09
O1 PO4 J . -6.98 3.15 -7.28
O2 PO4 J . -5.84 1.23 -6.17
O3 PO4 J . -4.92 3.46 -6.06
O4 PO4 J . -6.98 2.94 -4.83
P PO4 K . -12.45 -0.95 -0.45
O1 PO4 K . -12.39 -2.25 -1.17
O2 PO4 K . -13.77 -0.31 -0.71
O3 PO4 K . -12.27 -1.14 1.02
O4 PO4 K . -11.38 -0.03 -0.96
P PO4 L . -0.74 -5.70 8.30
O1 PO4 L . -0.82 -6.14 6.89
O2 PO4 L . -2.14 -5.39 8.68
O3 PO4 L . -0.22 -6.77 9.19
O4 PO4 L . 0.11 -4.50 8.55
PG GSP M . -13.94 19.55 11.99
O3B GSP M . -14.45 18.41 10.86
S1G GSP M . -15.16 20.91 11.78
O2G GSP M . -13.94 18.87 13.30
O3G GSP M . -12.62 20.08 11.58
PB GSP M . -13.78 16.94 10.51
O1B GSP M . -12.55 17.18 9.70
O2B GSP M . -13.66 16.12 11.71
PA GSP M . -15.90 15.11 9.87
O1A GSP M . -15.16 13.97 10.46
O2A GSP M . -17.13 15.61 10.54
O3A GSP M . -14.88 16.35 9.54
O5' GSP M . -16.25 14.81 8.31
C5' GSP M . -17.25 15.68 7.74
C4' GSP M . -18.48 14.95 7.25
O4' GSP M . -18.17 14.28 6.06
C3' GSP M . -19.19 13.92 8.11
O3' GSP M . -20.56 14.06 7.84
C2' GSP M . -18.76 12.60 7.44
O2' GSP M . -19.63 11.50 7.64
C1' GSP M . -18.59 12.96 6.00
N9 GSP M . -17.43 12.28 5.41
C8 GSP M . -16.13 12.22 5.85
N7 GSP M . -15.38 11.51 5.05
C5 GSP M . -16.21 11.10 4.03
C6 GSP M . -15.93 10.33 2.87
O6 GSP M . -14.88 9.83 2.48
N1 GSP M . -17.03 10.18 2.08
C2 GSP M . -18.25 10.69 2.35
N2 GSP M . -19.17 10.54 1.43
N3 GSP M . -18.54 11.40 3.45
C4 GSP M . -17.46 11.56 4.23
P PO4 N . 8.20 2.35 0.37
O1 PO4 N . 9.62 2.75 0.60
O2 PO4 N . 7.26 2.91 1.40
O3 PO4 N . 7.77 2.85 -0.98
O4 PO4 N . 8.14 0.85 0.32
P PO4 O . 9.06 -4.08 6.58
O1 PO4 O . 8.59 -2.76 7.10
O2 PO4 O . 9.95 -4.83 7.54
O3 PO4 O . 7.91 -4.97 6.38
O4 PO4 O . 9.76 -3.79 5.29
P PO4 P . -6.93 -5.95 5.36
O1 PO4 P . -7.12 -4.65 6.07
O2 PO4 P . -6.26 -6.91 6.29
O3 PO4 P . -8.24 -6.52 4.89
O4 PO4 P . -6.01 -5.74 4.21
MG MG Q . 9.44 -22.66 -6.90
P PO4 R . -8.67 -25.23 -8.30
O1 PO4 R . -9.21 -26.53 -8.74
O2 PO4 R . -9.71 -24.62 -7.43
O3 PO4 R . -7.45 -25.50 -7.53
O4 PO4 R . -8.32 -24.36 -9.45
P PO4 S . 6.13 -25.62 -3.06
O1 PO4 S . 7.12 -26.02 -4.11
O2 PO4 S . 6.81 -24.91 -1.93
O3 PO4 S . 5.10 -24.78 -3.74
O4 PO4 S . 5.46 -26.79 -2.43
P PO4 T . 20.84 -10.48 4.18
O1 PO4 T . 21.96 -10.68 3.22
O2 PO4 T . 21.35 -10.18 5.54
O3 PO4 T . 19.91 -9.38 3.78
O4 PO4 T . 20.11 -11.78 4.34
P PO4 U . -3.39 -11.56 9.04
O1 PO4 U . -3.50 -10.11 9.33
O2 PO4 U . -2.06 -12.03 9.53
O3 PO4 U . -4.53 -12.27 9.71
O4 PO4 U . -3.50 -11.85 7.58
PG GSP V . 12.33 -21.46 -9.26
O3B GSP V . 12.80 -20.19 -8.28
S1G GSP V . 13.99 -22.20 -9.82
O2G GSP V . 11.45 -22.36 -8.46
O3G GSP V . 11.66 -20.78 -10.40
PB GSP V . 11.95 -19.48 -7.16
O1B GSP V . 11.32 -18.31 -7.77
O2B GSP V . 11.02 -20.47 -6.56
PA GSP V . 12.89 -19.30 -4.41
O1A GSP V . 11.74 -18.57 -3.85
O2A GSP V . 12.91 -20.81 -4.35
O3A GSP V . 13.00 -18.95 -6.07
O5' GSP V . 14.15 -18.79 -3.63
C5' GSP V . 15.40 -18.76 -4.26
C4' GSP V . 16.46 -18.13 -3.31
O4' GSP V . 16.40 -16.70 -3.10
C3' GSP V . 16.34 -18.76 -1.94
O3' GSP V . 17.63 -18.84 -1.42
C2' GSP V . 15.60 -17.70 -1.21
O2' GSP V . 15.96 -17.83 0.15
C1' GSP V . 16.19 -16.45 -1.68
N9 GSP V . 15.30 -15.27 -1.51
C8 GSP V . 14.05 -15.06 -2.04
N7 GSP V . 13.60 -13.86 -1.84
C5 GSP V . 14.60 -13.22 -1.12
C6 GSP V . 14.65 -11.87 -0.61
O6 GSP V . 13.84 -10.95 -0.78
N1 GSP V . 15.81 -11.66 0.10
C2 GSP V . 16.79 -12.59 0.27
N2 GSP V . 17.78 -12.30 1.10
N3 GSP V . 16.76 -13.83 -0.24
C4 GSP V . 15.63 -14.07 -0.91
#